data_413D
# 
_entry.id   413D 
# 
_audit_conform.dict_name       mmcif_pdbx.dic 
_audit_conform.dict_version    5.387 
_audit_conform.dict_location   http://mmcif.pdb.org/dictionaries/ascii/mmcif_pdbx.dic 
# 
loop_
_database_2.database_id 
_database_2.database_code 
_database_2.pdbx_database_accession 
_database_2.pdbx_DOI 
PDB   413D         pdb_0000413d 10.2210/pdb413d/pdb 
RCSB  AR0005       ?            ?                   
WWPDB D_1000179213 ?            ?                   
# 
loop_
_pdbx_audit_revision_history.ordinal 
_pdbx_audit_revision_history.data_content_type 
_pdbx_audit_revision_history.major_revision 
_pdbx_audit_revision_history.minor_revision 
_pdbx_audit_revision_history.revision_date 
1 'Structure model' 1 0 1998-07-10 
2 'Structure model' 1 1 2008-05-22 
3 'Structure model' 1 2 2011-07-13 
4 'Structure model' 1 3 2024-02-28 
# 
_pdbx_audit_revision_details.ordinal             1 
_pdbx_audit_revision_details.revision_ordinal    1 
_pdbx_audit_revision_details.data_content_type   'Structure model' 
_pdbx_audit_revision_details.provider            repository 
_pdbx_audit_revision_details.type                'Initial release' 
_pdbx_audit_revision_details.description         ? 
_pdbx_audit_revision_details.details             ? 
# 
loop_
_pdbx_audit_revision_group.ordinal 
_pdbx_audit_revision_group.revision_ordinal 
_pdbx_audit_revision_group.data_content_type 
_pdbx_audit_revision_group.group 
1 2 'Structure model' 'Version format compliance' 
2 3 'Structure model' 'Version format compliance' 
3 4 'Structure model' 'Data collection'           
4 4 'Structure model' 'Database references'       
# 
loop_
_pdbx_audit_revision_category.ordinal 
_pdbx_audit_revision_category.revision_ordinal 
_pdbx_audit_revision_category.data_content_type 
_pdbx_audit_revision_category.category 
1 4 'Structure model' chem_comp_atom 
2 4 'Structure model' chem_comp_bond 
3 4 'Structure model' database_2     
# 
loop_
_pdbx_audit_revision_item.ordinal 
_pdbx_audit_revision_item.revision_ordinal 
_pdbx_audit_revision_item.data_content_type 
_pdbx_audit_revision_item.item 
1 4 'Structure model' '_database_2.pdbx_DOI'                
2 4 'Structure model' '_database_2.pdbx_database_accession' 
# 
_pdbx_database_PDB_obs_spr.id               SPRSDE 
_pdbx_database_PDB_obs_spr.pdb_id           413D 
_pdbx_database_PDB_obs_spr.replace_pdb_id   373D 
_pdbx_database_PDB_obs_spr.date             1998-07-10 
_pdbx_database_PDB_obs_spr.details          ? 
# 
_pdbx_database_status.status_code                     REL 
_pdbx_database_status.entry_id                        413D 
_pdbx_database_status.recvd_initial_deposition_date   1998-07-10 
_pdbx_database_status.deposit_site                    NDB 
_pdbx_database_status.process_site                    NDB 
_pdbx_database_status.SG_entry                        . 
_pdbx_database_status.status_code_sf                  ? 
_pdbx_database_status.status_code_mr                  ? 
_pdbx_database_status.pdb_format_compatible           Y 
_pdbx_database_status.status_code_cs                  ? 
_pdbx_database_status.status_code_nmr_data            ? 
_pdbx_database_status.methods_development_category    ? 
# 
loop_
_audit_author.name 
_audit_author.pdbx_ordinal 
'Tanaka, Y.'    1 
'Fujii, S.'     2 
'Hiroaki, H.'   3 
'Sakata, T.'    4 
'Tanaka, T.'    5 
'Uesugi, S.'    6 
'Tomita, K.-I.' 7 
'Kyogoku, Y.'   8 
# 
loop_
_citation.id 
_citation.title 
_citation.journal_abbrev 
_citation.journal_volume 
_citation.page_first 
_citation.page_last 
_citation.year 
_citation.journal_id_ASTM 
_citation.country 
_citation.journal_id_ISSN 
_citation.journal_id_CSD 
_citation.book_publisher 
_citation.pdbx_database_id_PubMed 
_citation.pdbx_database_id_DOI 
primary 
;A'-form RNA double helix in the single crystal structure of r(UGAGCUUCGGCUC).
;
'Nucleic Acids Res.'      27 949 955 1999 NARHAD UK 0305-1048 0389 ? 9927725 10.1093/nar/27.4.949 
1       'Conformational features of the four successive non-Watson-Crick base pairs in RNA duplex' 'Nucleic Acids Symp.Ser.' 27 63 
64  1992 NACSD8 UK 0261-3166 0559 ? ?       ?                    
2       'Molecular structure of extraordinarily stable RNA : model building and X-ray analysis'    'Nucleic Acids Symp.Ser.' 25 
181 182 1991 NACSD8 UK 0261-3166 0559 ? ?       ?                    
# 
loop_
_citation_author.citation_id 
_citation_author.name 
_citation_author.ordinal 
_citation_author.identifier_ORCID 
primary 'Tanaka, Y.'    1  ? 
primary 'Fujii, S.'     2  ? 
primary 'Hiroaki, H.'   3  ? 
primary 'Sakata, T.'    4  ? 
primary 'Tanaka, T.'    5  ? 
primary 'Uesugi, S.'    6  ? 
primary 'Tomita, K.'    7  ? 
primary 'Kyogoku, Y.'   8  ? 
1       'Fujii, S.'     9  ? 
1       'Tanaka, Y.'    10 ? 
1       'Uesugi, S.'    11 ? 
1       'Tanaka, T.'    12 ? 
1       'Sakata, T.'    13 ? 
1       'Hiroaki, H.'   14 ? 
2       'Fujii, S.'     15 ? 
2       'Tanaka, Y.'    16 ? 
2       'Tomita, K.-I.' 17 ? 
2       'Sakata, T.'    18 ? 
2       'Hiroaki, H.'   19 ? 
2       'Tanaka, T.'    20 ? 
2       'Uesugi, S.'    21 ? 
# 
loop_
_entity.id 
_entity.type 
_entity.src_method 
_entity.pdbx_description 
_entity.formula_weight 
_entity.pdbx_number_of_molecules 
_entity.pdbx_ec 
_entity.pdbx_mutation 
_entity.pdbx_fragment 
_entity.details 
1 polymer syn 
;RNA (5'-R(*UP*GP*AP*GP*CP*UP*UP*CP*GP*GP*CP*UP*C)-3')
;
4110.461 1  ? ? ? ? 
2 water   nat water                                                   18.015   37 ? ? ? ? 
# 
_entity_poly.entity_id                      1 
_entity_poly.type                           polyribonucleotide 
_entity_poly.nstd_linkage                   no 
_entity_poly.nstd_monomer                   no 
_entity_poly.pdbx_seq_one_letter_code       UGAGCUUCGGCUC 
_entity_poly.pdbx_seq_one_letter_code_can   UGAGCUUCGGCUC 
_entity_poly.pdbx_strand_id                 A 
_entity_poly.pdbx_target_identifier         ? 
# 
_pdbx_entity_nonpoly.entity_id   2 
_pdbx_entity_nonpoly.name        water 
_pdbx_entity_nonpoly.comp_id     HOH 
# 
loop_
_entity_poly_seq.entity_id 
_entity_poly_seq.num 
_entity_poly_seq.mon_id 
_entity_poly_seq.hetero 
1 1  U n 
1 2  G n 
1 3  A n 
1 4  G n 
1 5  C n 
1 6  U n 
1 7  U n 
1 8  C n 
1 9  G n 
1 10 G n 
1 11 C n 
1 12 U n 
1 13 C n 
# 
loop_
_chem_comp.id 
_chem_comp.type 
_chem_comp.mon_nstd_flag 
_chem_comp.name 
_chem_comp.pdbx_synonyms 
_chem_comp.formula 
_chem_comp.formula_weight 
A   'RNA linking' y "ADENOSINE-5'-MONOPHOSPHATE" ? 'C10 H14 N5 O7 P' 347.221 
C   'RNA linking' y "CYTIDINE-5'-MONOPHOSPHATE"  ? 'C9 H14 N3 O8 P'  323.197 
G   'RNA linking' y "GUANOSINE-5'-MONOPHOSPHATE" ? 'C10 H14 N5 O8 P' 363.221 
HOH non-polymer   . WATER                        ? 'H2 O'            18.015  
U   'RNA linking' y "URIDINE-5'-MONOPHOSPHATE"   ? 'C9 H13 N2 O9 P'  324.181 
# 
loop_
_pdbx_poly_seq_scheme.asym_id 
_pdbx_poly_seq_scheme.entity_id 
_pdbx_poly_seq_scheme.seq_id 
_pdbx_poly_seq_scheme.mon_id 
_pdbx_poly_seq_scheme.ndb_seq_num 
_pdbx_poly_seq_scheme.pdb_seq_num 
_pdbx_poly_seq_scheme.auth_seq_num 
_pdbx_poly_seq_scheme.pdb_mon_id 
_pdbx_poly_seq_scheme.auth_mon_id 
_pdbx_poly_seq_scheme.pdb_strand_id 
_pdbx_poly_seq_scheme.pdb_ins_code 
_pdbx_poly_seq_scheme.hetero 
A 1 1  U 1  1  1  U U A . n 
A 1 2  G 2  2  2  G G A . n 
A 1 3  A 3  3  3  A A A . n 
A 1 4  G 4  4  4  G G A . n 
A 1 5  C 5  5  5  C C A . n 
A 1 6  U 6  6  6  U U A . n 
A 1 7  U 7  7  7  U U A . n 
A 1 8  C 8  8  8  C C A . n 
A 1 9  G 9  9  9  G G A . n 
A 1 10 G 10 10 10 G G A . n 
A 1 11 C 11 11 11 C C A . n 
A 1 12 U 12 12 12 U U A . n 
A 1 13 C 13 13 13 C C A . n 
# 
loop_
_pdbx_nonpoly_scheme.asym_id 
_pdbx_nonpoly_scheme.entity_id 
_pdbx_nonpoly_scheme.mon_id 
_pdbx_nonpoly_scheme.ndb_seq_num 
_pdbx_nonpoly_scheme.pdb_seq_num 
_pdbx_nonpoly_scheme.auth_seq_num 
_pdbx_nonpoly_scheme.pdb_mon_id 
_pdbx_nonpoly_scheme.auth_mon_id 
_pdbx_nonpoly_scheme.pdb_strand_id 
_pdbx_nonpoly_scheme.pdb_ins_code 
B 2 HOH 1  14 14 HOH HOH A . 
B 2 HOH 2  15 15 HOH HOH A . 
B 2 HOH 3  16 16 HOH HOH A . 
B 2 HOH 4  17 17 HOH HOH A . 
B 2 HOH 5  18 18 HOH HOH A . 
B 2 HOH 6  19 19 HOH HOH A . 
B 2 HOH 7  20 20 HOH HOH A . 
B 2 HOH 8  21 21 HOH HOH A . 
B 2 HOH 9  22 22 HOH HOH A . 
B 2 HOH 10 23 23 HOH HOH A . 
B 2 HOH 11 24 24 HOH HOH A . 
B 2 HOH 12 25 25 HOH HOH A . 
B 2 HOH 13 26 26 HOH HOH A . 
B 2 HOH 14 27 27 HOH HOH A . 
B 2 HOH 15 28 28 HOH HOH A . 
B 2 HOH 16 29 29 HOH HOH A . 
B 2 HOH 17 30 30 HOH HOH A . 
B 2 HOH 18 31 31 HOH HOH A . 
B 2 HOH 19 32 32 HOH HOH A . 
B 2 HOH 20 33 33 HOH HOH A . 
B 2 HOH 21 34 34 HOH HOH A . 
B 2 HOH 22 35 35 HOH HOH A . 
B 2 HOH 23 36 36 HOH HOH A . 
B 2 HOH 24 37 37 HOH HOH A . 
B 2 HOH 25 38 38 HOH HOH A . 
B 2 HOH 26 39 39 HOH HOH A . 
B 2 HOH 27 40 40 HOH HOH A . 
B 2 HOH 28 41 41 HOH HOH A . 
B 2 HOH 29 42 42 HOH HOH A . 
B 2 HOH 30 43 43 HOH HOH A . 
B 2 HOH 31 44 44 HOH HOH A . 
B 2 HOH 32 45 45 HOH HOH A . 
B 2 HOH 33 46 46 HOH HOH A . 
B 2 HOH 34 47 47 HOH HOH A . 
B 2 HOH 35 48 48 HOH HOH A . 
B 2 HOH 36 49 49 HOH HOH A . 
B 2 HOH 37 50 50 HOH HOH A . 
# 
loop_
_software.name 
_software.classification 
_software.version 
_software.citation_id 
_software.pdbx_ordinal 
X-PLOR 'model building' .     ? 1 
X-PLOR refinement       3.851 ? 2 
RIGAKU 'data reduction' .     ? 3 
RIGAKU 'data scaling'   .     ? 4 
X-PLOR phasing          .     ? 5 
# 
_cell.entry_id           413D 
_cell.length_a           38.490 
_cell.length_b           32.300 
_cell.length_c           38.760 
_cell.angle_alpha        90.00 
_cell.angle_beta         117.56 
_cell.angle_gamma        90.00 
_cell.Z_PDB              4 
_cell.pdbx_unique_axis   ? 
_cell.length_a_esd       ? 
_cell.length_b_esd       ? 
_cell.length_c_esd       ? 
_cell.angle_alpha_esd    ? 
_cell.angle_beta_esd     ? 
_cell.angle_gamma_esd    ? 
# 
_symmetry.entry_id                         413D 
_symmetry.space_group_name_H-M             'C 1 2 1' 
_symmetry.pdbx_full_space_group_name_H-M   ? 
_symmetry.cell_setting                     monoclinic 
_symmetry.Int_Tables_number                5 
_symmetry.space_group_name_Hall            ? 
# 
_exptl.entry_id          413D 
_exptl.method            'X-RAY DIFFRACTION' 
_exptl.crystals_number   1 
# 
_exptl_crystal.id                    1 
_exptl_crystal.density_meas          ? 
_exptl_crystal.density_Matthews      2.60 
_exptl_crystal.density_percent_sol   52.66 
_exptl_crystal.description           ? 
_exptl_crystal.F_000                 ? 
_exptl_crystal.preparation           ? 
# 
_exptl_crystal_grow.crystal_id      1 
_exptl_crystal_grow.method          ? 
_exptl_crystal_grow.temp            ? 
_exptl_crystal_grow.temp_details    ? 
_exptl_crystal_grow.pH              6.50 
_exptl_crystal_grow.pdbx_details    'pH 6.50' 
_exptl_crystal_grow.pdbx_pH_range   . 
# 
_diffrn.id                     1 
_diffrn.ambient_temp           293.00 
_diffrn.ambient_temp_details   ? 
_diffrn.crystal_id             1 
# 
_diffrn_detector.diffrn_id              1 
_diffrn_detector.detector               DIFFRACTOMETER 
_diffrn_detector.type                   'RIGAKU AFC-5R' 
_diffrn_detector.pdbx_collection_date   1990-12-15 
_diffrn_detector.details                ? 
# 
_diffrn_radiation.diffrn_id                        1 
_diffrn_radiation.wavelength_id                    1 
_diffrn_radiation.pdbx_monochromatic_or_laue_m_l   M 
_diffrn_radiation.monochromator                    ? 
_diffrn_radiation.pdbx_diffrn_protocol             'SINGLE WAVELENGTH' 
_diffrn_radiation.pdbx_scattering_type             x-ray 
# 
_diffrn_radiation_wavelength.id           1 
_diffrn_radiation_wavelength.wavelength   . 
_diffrn_radiation_wavelength.wt           1.0 
# 
_diffrn_source.diffrn_id                   1 
_diffrn_source.source                      'ROTATING ANODE' 
_diffrn_source.type                        'RIGAKU RU300' 
_diffrn_source.pdbx_synchrotron_site       ? 
_diffrn_source.pdbx_synchrotron_beamline   ? 
_diffrn_source.pdbx_wavelength             ? 
_diffrn_source.pdbx_wavelength_list        ? 
# 
_reflns.entry_id                     413D 
_reflns.observed_criterion_sigma_I   0.000 
_reflns.observed_criterion_sigma_F   0.000 
_reflns.d_resolution_low             ? 
_reflns.d_resolution_high            1.800 
_reflns.number_obs                   3556 
_reflns.number_all                   3556 
_reflns.percent_possible_obs         88.000 
_reflns.pdbx_Rmerge_I_obs            ? 
_reflns.pdbx_Rsym_value              ? 
_reflns.pdbx_netI_over_sigmaI        ? 
_reflns.B_iso_Wilson_estimate        ? 
_reflns.pdbx_redundancy              ? 
_reflns.R_free_details               ? 
_reflns.pdbx_chi_squared             ? 
_reflns.pdbx_scaling_rejects         ? 
_reflns.pdbx_diffrn_id               1 
_reflns.pdbx_ordinal                 1 
# 
_refine.entry_id                                 413D 
_refine.ls_number_reflns_obs                     2743 
_refine.ls_number_reflns_all                     ? 
_refine.pdbx_ls_sigma_I                          ? 
_refine.pdbx_ls_sigma_F                          1.000 
_refine.pdbx_data_cutoff_high_absF               ? 
_refine.pdbx_data_cutoff_low_absF                ? 
_refine.pdbx_data_cutoff_high_rms_absF           ? 
_refine.ls_d_res_low                             10.000 
_refine.ls_d_res_high                            1.800 
_refine.ls_percent_reflns_obs                    69.300 
_refine.ls_R_factor_obs                          0.1820000 
_refine.ls_R_factor_all                          ? 
_refine.ls_R_factor_R_work                       0.1820000 
_refine.ls_R_factor_R_free                       0.2240000 
_refine.ls_R_factor_R_free_error                 ? 
_refine.ls_R_factor_R_free_error_details         ? 
_refine.ls_percent_reflns_R_free                 9.400 
_refine.ls_number_reflns_R_free                  258 
_refine.ls_number_parameters                     ? 
_refine.ls_number_restraints                     ? 
_refine.occupancy_min                            ? 
_refine.occupancy_max                            ? 
_refine.B_iso_mean                               ? 
_refine.aniso_B[1][1]                            ? 
_refine.aniso_B[2][2]                            ? 
_refine.aniso_B[3][3]                            ? 
_refine.aniso_B[1][2]                            ? 
_refine.aniso_B[1][3]                            ? 
_refine.aniso_B[2][3]                            ? 
_refine.solvent_model_details                    ? 
_refine.solvent_model_param_ksol                 ? 
_refine.solvent_model_param_bsol                 ? 
_refine.pdbx_ls_cross_valid_method               THROUGHOUT 
_refine.details                                  ? 
_refine.pdbx_starting_model                      ? 
_refine.pdbx_method_to_determine_struct          'MOLECULAR REPLACEMENT' 
_refine.pdbx_isotropic_thermal_model             ? 
_refine.pdbx_stereochemistry_target_values       'PARKINSON ET AL.' 
_refine.pdbx_stereochem_target_val_spec_case     ? 
_refine.pdbx_R_Free_selection_details            RANDOM 
_refine.pdbx_overall_ESU_R                       ? 
_refine.pdbx_overall_ESU_R_Free                  ? 
_refine.overall_SU_ML                            ? 
_refine.overall_SU_B                             ? 
_refine.ls_redundancy_reflns_obs                 ? 
_refine.correlation_coeff_Fo_to_Fc               ? 
_refine.overall_SU_R_Cruickshank_DPI             ? 
_refine.overall_SU_R_free                        ? 
_refine.correlation_coeff_Fo_to_Fc_free          ? 
_refine.pdbx_solvent_vdw_probe_radii             ? 
_refine.pdbx_solvent_ion_probe_radii             ? 
_refine.pdbx_solvent_shrinkage_radii             ? 
_refine.pdbx_refine_id                           'X-RAY DIFFRACTION' 
_refine.pdbx_overall_phase_error                 ? 
_refine.ls_wR_factor_R_free                      ? 
_refine.ls_wR_factor_R_work                      ? 
_refine.overall_FOM_free_R_set                   ? 
_refine.overall_FOM_work_R_set                   ? 
_refine.pdbx_diffrn_id                           1 
_refine.pdbx_TLS_residual_ADP_flag               ? 
_refine.pdbx_overall_SU_R_free_Cruickshank_DPI   ? 
_refine.pdbx_overall_SU_R_Blow_DPI               ? 
_refine.pdbx_overall_SU_R_free_Blow_DPI          ? 
# 
_refine_hist.pdbx_refine_id                   'X-RAY DIFFRACTION' 
_refine_hist.cycle_id                         LAST 
_refine_hist.pdbx_number_atoms_protein        0 
_refine_hist.pdbx_number_atoms_nucleic_acid   288 
_refine_hist.pdbx_number_atoms_ligand         0 
_refine_hist.number_atoms_solvent             37 
_refine_hist.number_atoms_total               325 
_refine_hist.d_res_high                       1.800 
_refine_hist.d_res_low                        10.000 
# 
loop_
_refine_ls_restr.type 
_refine_ls_restr.dev_ideal 
_refine_ls_restr.dev_ideal_target 
_refine_ls_restr.weight 
_refine_ls_restr.number 
_refine_ls_restr.pdbx_refine_id 
_refine_ls_restr.pdbx_restraint_function 
x_bond_d                0.005 ? ? ? 'X-RAY DIFFRACTION' ? 
x_bond_d_na             ?     ? ? ? 'X-RAY DIFFRACTION' ? 
x_bond_d_prot           ?     ? ? ? 'X-RAY DIFFRACTION' ? 
x_angle_d               ?     ? ? ? 'X-RAY DIFFRACTION' ? 
x_angle_d_na            ?     ? ? ? 'X-RAY DIFFRACTION' ? 
x_angle_d_prot          ?     ? ? ? 'X-RAY DIFFRACTION' ? 
x_angle_deg             0.90  ? ? ? 'X-RAY DIFFRACTION' ? 
x_angle_deg_na          ?     ? ? ? 'X-RAY DIFFRACTION' ? 
x_angle_deg_prot        ?     ? ? ? 'X-RAY DIFFRACTION' ? 
x_dihedral_angle_d      ?     ? ? ? 'X-RAY DIFFRACTION' ? 
x_dihedral_angle_d_na   ?     ? ? ? 'X-RAY DIFFRACTION' ? 
x_dihedral_angle_d_prot ?     ? ? ? 'X-RAY DIFFRACTION' ? 
x_improper_angle_d      ?     ? ? ? 'X-RAY DIFFRACTION' ? 
x_improper_angle_d_na   ?     ? ? ? 'X-RAY DIFFRACTION' ? 
x_improper_angle_d_prot ?     ? ? ? 'X-RAY DIFFRACTION' ? 
x_mcbond_it             ?     ? ? ? 'X-RAY DIFFRACTION' ? 
x_mcangle_it            ?     ? ? ? 'X-RAY DIFFRACTION' ? 
x_scbond_it             ?     ? ? ? 'X-RAY DIFFRACTION' ? 
x_scangle_it            ?     ? ? ? 'X-RAY DIFFRACTION' ? 
# 
_struct.entry_id                  413D 
_struct.title                     
;A'-FORM RNA DOUBLE HELIX IN THE SINGLE CRYSTAL STRUCTURE OF R(UGAGCUUCGGCUC)
;
_struct.pdbx_model_details        ? 
_struct.pdbx_CASP_flag            ? 
_struct.pdbx_model_type_details   ? 
# 
_struct_keywords.entry_id        413D 
_struct_keywords.pdbx_keywords   RNA 
_struct_keywords.text            
;A'-RNA, DOUBLE HELIX, RNA
;
# 
loop_
_struct_asym.id 
_struct_asym.pdbx_blank_PDB_chainid_flag 
_struct_asym.pdbx_modified 
_struct_asym.entity_id 
_struct_asym.details 
A N N 1 ? 
B N N 2 ? 
# 
_struct_ref.id                         1 
_struct_ref.entity_id                  1 
_struct_ref.db_name                    PDB 
_struct_ref.db_code                    413D 
_struct_ref.pdbx_db_accession          413D 
_struct_ref.pdbx_align_begin           ? 
_struct_ref.pdbx_seq_one_letter_code   ? 
_struct_ref.pdbx_db_isoform            ? 
# 
_struct_ref_seq.align_id                      1 
_struct_ref_seq.ref_id                        1 
_struct_ref_seq.pdbx_PDB_id_code              413D 
_struct_ref_seq.pdbx_strand_id                A 
_struct_ref_seq.seq_align_beg                 1 
_struct_ref_seq.pdbx_seq_align_beg_ins_code   ? 
_struct_ref_seq.seq_align_end                 13 
_struct_ref_seq.pdbx_seq_align_end_ins_code   ? 
_struct_ref_seq.pdbx_db_accession             413D 
_struct_ref_seq.db_align_beg                  1 
_struct_ref_seq.pdbx_db_align_beg_ins_code    ? 
_struct_ref_seq.db_align_end                  13 
_struct_ref_seq.pdbx_db_align_end_ins_code    ? 
_struct_ref_seq.pdbx_auth_seq_align_beg       1 
_struct_ref_seq.pdbx_auth_seq_align_end       13 
# 
_pdbx_struct_assembly.id                   1 
_pdbx_struct_assembly.details              author_defined_assembly 
_pdbx_struct_assembly.method_details       ? 
_pdbx_struct_assembly.oligomeric_details   dimeric 
_pdbx_struct_assembly.oligomeric_count     2 
# 
_pdbx_struct_assembly_gen.assembly_id       1 
_pdbx_struct_assembly_gen.oper_expression   1,2 
_pdbx_struct_assembly_gen.asym_id_list      A,B 
# 
loop_
_pdbx_struct_oper_list.id 
_pdbx_struct_oper_list.type 
_pdbx_struct_oper_list.name 
_pdbx_struct_oper_list.symmetry_operation 
_pdbx_struct_oper_list.matrix[1][1] 
_pdbx_struct_oper_list.matrix[1][2] 
_pdbx_struct_oper_list.matrix[1][3] 
_pdbx_struct_oper_list.vector[1] 
_pdbx_struct_oper_list.matrix[2][1] 
_pdbx_struct_oper_list.matrix[2][2] 
_pdbx_struct_oper_list.matrix[2][3] 
_pdbx_struct_oper_list.vector[2] 
_pdbx_struct_oper_list.matrix[3][1] 
_pdbx_struct_oper_list.matrix[3][2] 
_pdbx_struct_oper_list.matrix[3][3] 
_pdbx_struct_oper_list.vector[3] 
1 'identity operation'         1_555 x,y,z   1.0000000000 0.0000000000  0.0000000000 0.0000000000  0.0000000000  1.0000000000  0.0000000000  0.0000000000  0.0000000000 0.0000000000  1.0000000000  0.0000000000 
2 'crystal symmetry operation' 2_555 -x,y,-z 0.1461923975 -0.4380003933 0.8870081388 -1.1743204084 -0.4380003933 -0.8326246580 -0.3389569801 -0.0987892739 0.8870081388 -0.3389569801 -0.3135677395 1.4686757950 
# 
_struct_biol.id                    1 
_struct_biol.pdbx_parent_biol_id   ? 
_struct_biol.details               ? 
# 
loop_
_struct_conn.id 
_struct_conn.conn_type_id 
_struct_conn.pdbx_leaving_atom_flag 
_struct_conn.pdbx_PDB_id 
_struct_conn.ptnr1_label_asym_id 
_struct_conn.ptnr1_label_comp_id 
_struct_conn.ptnr1_label_seq_id 
_struct_conn.ptnr1_label_atom_id 
_struct_conn.pdbx_ptnr1_label_alt_id 
_struct_conn.pdbx_ptnr1_PDB_ins_code 
_struct_conn.pdbx_ptnr1_standard_comp_id 
_struct_conn.ptnr1_symmetry 
_struct_conn.ptnr2_label_asym_id 
_struct_conn.ptnr2_label_comp_id 
_struct_conn.ptnr2_label_seq_id 
_struct_conn.ptnr2_label_atom_id 
_struct_conn.pdbx_ptnr2_label_alt_id 
_struct_conn.pdbx_ptnr2_PDB_ins_code 
_struct_conn.ptnr1_auth_asym_id 
_struct_conn.ptnr1_auth_comp_id 
_struct_conn.ptnr1_auth_seq_id 
_struct_conn.ptnr2_auth_asym_id 
_struct_conn.ptnr2_auth_comp_id 
_struct_conn.ptnr2_auth_seq_id 
_struct_conn.ptnr2_symmetry 
_struct_conn.pdbx_ptnr3_label_atom_id 
_struct_conn.pdbx_ptnr3_label_seq_id 
_struct_conn.pdbx_ptnr3_label_comp_id 
_struct_conn.pdbx_ptnr3_label_asym_id 
_struct_conn.pdbx_ptnr3_label_alt_id 
_struct_conn.pdbx_ptnr3_PDB_ins_code 
_struct_conn.details 
_struct_conn.pdbx_dist_value 
_struct_conn.pdbx_value_order 
_struct_conn.pdbx_role 
hydrog1  hydrog ? ? A G 2  N1 ? ? ? 1_555 A C 13 N3 ? ? A G 2  A C 13 2_555 ? ? ? ? ? ? WATSON-CRICK  ? ? ? 
hydrog2  hydrog ? ? A G 2  N2 ? ? ? 1_555 A C 13 O2 ? ? A G 2  A C 13 2_555 ? ? ? ? ? ? WATSON-CRICK  ? ? ? 
hydrog3  hydrog ? ? A G 2  O6 ? ? ? 1_555 A C 13 N4 ? ? A G 2  A C 13 2_555 ? ? ? ? ? ? WATSON-CRICK  ? ? ? 
hydrog4  hydrog ? ? A A 3  N1 ? ? ? 1_555 A U 12 N3 ? ? A A 3  A U 12 2_555 ? ? ? ? ? ? WATSON-CRICK  ? ? ? 
hydrog5  hydrog ? ? A A 3  N6 ? ? ? 1_555 A U 12 O4 ? ? A A 3  A U 12 2_555 ? ? ? ? ? ? WATSON-CRICK  ? ? ? 
hydrog6  hydrog ? ? A G 4  N1 ? ? ? 1_555 A C 11 N3 ? ? A G 4  A C 11 2_555 ? ? ? ? ? ? WATSON-CRICK  ? ? ? 
hydrog7  hydrog ? ? A G 4  N2 ? ? ? 1_555 A C 11 O2 ? ? A G 4  A C 11 2_555 ? ? ? ? ? ? WATSON-CRICK  ? ? ? 
hydrog8  hydrog ? ? A G 4  O6 ? ? ? 1_555 A C 11 N4 ? ? A G 4  A C 11 2_555 ? ? ? ? ? ? WATSON-CRICK  ? ? ? 
hydrog9  hydrog ? ? A C 5  N3 ? ? ? 1_555 A G 10 N1 ? ? A C 5  A G 10 2_555 ? ? ? ? ? ? WATSON-CRICK  ? ? ? 
hydrog10 hydrog ? ? A C 5  N4 ? ? ? 1_555 A G 10 O6 ? ? A C 5  A G 10 2_555 ? ? ? ? ? ? WATSON-CRICK  ? ? ? 
hydrog11 hydrog ? ? A C 5  O2 ? ? ? 1_555 A G 10 N2 ? ? A C 5  A G 10 2_555 ? ? ? ? ? ? WATSON-CRICK  ? ? ? 
hydrog12 hydrog ? ? A U 6  N3 ? ? ? 1_555 A G 9  O6 ? ? A U 6  A G 9  2_555 ? ? ? ? ? ? TYPE_28_PAIR  ? ? ? 
hydrog13 hydrog ? ? A U 6  O2 ? ? ? 1_555 A G 9  N1 ? ? A U 6  A G 9  2_555 ? ? ? ? ? ? TYPE_28_PAIR  ? ? ? 
hydrog14 hydrog ? ? A U 7  O4 ? ? ? 1_555 A C 8  N4 ? ? A U 7  A C 8  2_555 ? ? ? ? ? ? 'U-C MISPAIR' ? ? ? 
hydrog15 hydrog ? ? A C 8  N4 ? ? ? 1_555 A U 7  O4 ? ? A C 8  A U 7  2_555 ? ? ? ? ? ? 'C-U MISPAIR' ? ? ? 
hydrog16 hydrog ? ? A G 9  N1 ? ? ? 1_555 A U 6  O2 ? ? A G 9  A U 6  2_555 ? ? ? ? ? ? TYPE_28_PAIR  ? ? ? 
hydrog17 hydrog ? ? A G 9  O6 ? ? ? 1_555 A U 6  N3 ? ? A G 9  A U 6  2_555 ? ? ? ? ? ? TYPE_28_PAIR  ? ? ? 
hydrog18 hydrog ? ? A G 10 N1 ? ? ? 1_555 A C 5  N3 ? ? A G 10 A C 5  2_555 ? ? ? ? ? ? WATSON-CRICK  ? ? ? 
hydrog19 hydrog ? ? A G 10 N2 ? ? ? 1_555 A C 5  O2 ? ? A G 10 A C 5  2_555 ? ? ? ? ? ? WATSON-CRICK  ? ? ? 
hydrog20 hydrog ? ? A G 10 O6 ? ? ? 1_555 A C 5  N4 ? ? A G 10 A C 5  2_555 ? ? ? ? ? ? WATSON-CRICK  ? ? ? 
hydrog21 hydrog ? ? A C 11 N3 ? ? ? 1_555 A G 4  N1 ? ? A C 11 A G 4  2_555 ? ? ? ? ? ? WATSON-CRICK  ? ? ? 
hydrog22 hydrog ? ? A C 11 N4 ? ? ? 1_555 A G 4  O6 ? ? A C 11 A G 4  2_555 ? ? ? ? ? ? WATSON-CRICK  ? ? ? 
hydrog23 hydrog ? ? A C 11 O2 ? ? ? 1_555 A G 4  N2 ? ? A C 11 A G 4  2_555 ? ? ? ? ? ? WATSON-CRICK  ? ? ? 
hydrog24 hydrog ? ? A U 12 N3 ? ? ? 1_555 A A 3  N1 ? ? A U 12 A A 3  2_555 ? ? ? ? ? ? WATSON-CRICK  ? ? ? 
hydrog25 hydrog ? ? A U 12 O4 ? ? ? 1_555 A A 3  N6 ? ? A U 12 A A 3  2_555 ? ? ? ? ? ? WATSON-CRICK  ? ? ? 
hydrog26 hydrog ? ? A C 13 N3 ? ? ? 1_555 A G 2  N1 ? ? A C 13 A G 2  2_555 ? ? ? ? ? ? WATSON-CRICK  ? ? ? 
hydrog27 hydrog ? ? A C 13 N4 ? ? ? 1_555 A G 2  O6 ? ? A C 13 A G 2  2_555 ? ? ? ? ? ? WATSON-CRICK  ? ? ? 
hydrog28 hydrog ? ? A C 13 O2 ? ? ? 1_555 A G 2  N2 ? ? A C 13 A G 2  2_555 ? ? ? ? ? ? WATSON-CRICK  ? ? ? 
# 
_struct_conn_type.id          hydrog 
_struct_conn_type.criteria    ? 
_struct_conn_type.reference   ? 
# 
_pdbx_struct_special_symmetry.id              1 
_pdbx_struct_special_symmetry.PDB_model_num   1 
_pdbx_struct_special_symmetry.auth_asym_id    A 
_pdbx_struct_special_symmetry.auth_comp_id    U 
_pdbx_struct_special_symmetry.auth_seq_id     1 
_pdbx_struct_special_symmetry.PDB_ins_code    ? 
_pdbx_struct_special_symmetry.label_asym_id   A 
_pdbx_struct_special_symmetry.label_comp_id   U 
_pdbx_struct_special_symmetry.label_seq_id    1 
# 
loop_
_chem_comp_atom.comp_id 
_chem_comp_atom.atom_id 
_chem_comp_atom.type_symbol 
_chem_comp_atom.pdbx_aromatic_flag 
_chem_comp_atom.pdbx_stereo_config 
_chem_comp_atom.pdbx_ordinal 
A   OP3    O N N 1   
A   P      P N N 2   
A   OP1    O N N 3   
A   OP2    O N N 4   
A   "O5'"  O N N 5   
A   "C5'"  C N N 6   
A   "C4'"  C N R 7   
A   "O4'"  O N N 8   
A   "C3'"  C N S 9   
A   "O3'"  O N N 10  
A   "C2'"  C N R 11  
A   "O2'"  O N N 12  
A   "C1'"  C N R 13  
A   N9     N Y N 14  
A   C8     C Y N 15  
A   N7     N Y N 16  
A   C5     C Y N 17  
A   C6     C Y N 18  
A   N6     N N N 19  
A   N1     N Y N 20  
A   C2     C Y N 21  
A   N3     N Y N 22  
A   C4     C Y N 23  
A   HOP3   H N N 24  
A   HOP2   H N N 25  
A   "H5'"  H N N 26  
A   "H5''" H N N 27  
A   "H4'"  H N N 28  
A   "H3'"  H N N 29  
A   "HO3'" H N N 30  
A   "H2'"  H N N 31  
A   "HO2'" H N N 32  
A   "H1'"  H N N 33  
A   H8     H N N 34  
A   H61    H N N 35  
A   H62    H N N 36  
A   H2     H N N 37  
C   OP3    O N N 38  
C   P      P N N 39  
C   OP1    O N N 40  
C   OP2    O N N 41  
C   "O5'"  O N N 42  
C   "C5'"  C N N 43  
C   "C4'"  C N R 44  
C   "O4'"  O N N 45  
C   "C3'"  C N S 46  
C   "O3'"  O N N 47  
C   "C2'"  C N R 48  
C   "O2'"  O N N 49  
C   "C1'"  C N R 50  
C   N1     N N N 51  
C   C2     C N N 52  
C   O2     O N N 53  
C   N3     N N N 54  
C   C4     C N N 55  
C   N4     N N N 56  
C   C5     C N N 57  
C   C6     C N N 58  
C   HOP3   H N N 59  
C   HOP2   H N N 60  
C   "H5'"  H N N 61  
C   "H5''" H N N 62  
C   "H4'"  H N N 63  
C   "H3'"  H N N 64  
C   "HO3'" H N N 65  
C   "H2'"  H N N 66  
C   "HO2'" H N N 67  
C   "H1'"  H N N 68  
C   H41    H N N 69  
C   H42    H N N 70  
C   H5     H N N 71  
C   H6     H N N 72  
G   OP3    O N N 73  
G   P      P N N 74  
G   OP1    O N N 75  
G   OP2    O N N 76  
G   "O5'"  O N N 77  
G   "C5'"  C N N 78  
G   "C4'"  C N R 79  
G   "O4'"  O N N 80  
G   "C3'"  C N S 81  
G   "O3'"  O N N 82  
G   "C2'"  C N R 83  
G   "O2'"  O N N 84  
G   "C1'"  C N R 85  
G   N9     N Y N 86  
G   C8     C Y N 87  
G   N7     N Y N 88  
G   C5     C Y N 89  
G   C6     C N N 90  
G   O6     O N N 91  
G   N1     N N N 92  
G   C2     C N N 93  
G   N2     N N N 94  
G   N3     N N N 95  
G   C4     C Y N 96  
G   HOP3   H N N 97  
G   HOP2   H N N 98  
G   "H5'"  H N N 99  
G   "H5''" H N N 100 
G   "H4'"  H N N 101 
G   "H3'"  H N N 102 
G   "HO3'" H N N 103 
G   "H2'"  H N N 104 
G   "HO2'" H N N 105 
G   "H1'"  H N N 106 
G   H8     H N N 107 
G   H1     H N N 108 
G   H21    H N N 109 
G   H22    H N N 110 
HOH O      O N N 111 
HOH H1     H N N 112 
HOH H2     H N N 113 
U   OP3    O N N 114 
U   P      P N N 115 
U   OP1    O N N 116 
U   OP2    O N N 117 
U   "O5'"  O N N 118 
U   "C5'"  C N N 119 
U   "C4'"  C N R 120 
U   "O4'"  O N N 121 
U   "C3'"  C N S 122 
U   "O3'"  O N N 123 
U   "C2'"  C N R 124 
U   "O2'"  O N N 125 
U   "C1'"  C N R 126 
U   N1     N N N 127 
U   C2     C N N 128 
U   O2     O N N 129 
U   N3     N N N 130 
U   C4     C N N 131 
U   O4     O N N 132 
U   C5     C N N 133 
U   C6     C N N 134 
U   HOP3   H N N 135 
U   HOP2   H N N 136 
U   "H5'"  H N N 137 
U   "H5''" H N N 138 
U   "H4'"  H N N 139 
U   "H3'"  H N N 140 
U   "HO3'" H N N 141 
U   "H2'"  H N N 142 
U   "HO2'" H N N 143 
U   "H1'"  H N N 144 
U   H3     H N N 145 
U   H5     H N N 146 
U   H6     H N N 147 
# 
loop_
_chem_comp_bond.comp_id 
_chem_comp_bond.atom_id_1 
_chem_comp_bond.atom_id_2 
_chem_comp_bond.value_order 
_chem_comp_bond.pdbx_aromatic_flag 
_chem_comp_bond.pdbx_stereo_config 
_chem_comp_bond.pdbx_ordinal 
A   OP3   P      sing N N 1   
A   OP3   HOP3   sing N N 2   
A   P     OP1    doub N N 3   
A   P     OP2    sing N N 4   
A   P     "O5'"  sing N N 5   
A   OP2   HOP2   sing N N 6   
A   "O5'" "C5'"  sing N N 7   
A   "C5'" "C4'"  sing N N 8   
A   "C5'" "H5'"  sing N N 9   
A   "C5'" "H5''" sing N N 10  
A   "C4'" "O4'"  sing N N 11  
A   "C4'" "C3'"  sing N N 12  
A   "C4'" "H4'"  sing N N 13  
A   "O4'" "C1'"  sing N N 14  
A   "C3'" "O3'"  sing N N 15  
A   "C3'" "C2'"  sing N N 16  
A   "C3'" "H3'"  sing N N 17  
A   "O3'" "HO3'" sing N N 18  
A   "C2'" "O2'"  sing N N 19  
A   "C2'" "C1'"  sing N N 20  
A   "C2'" "H2'"  sing N N 21  
A   "O2'" "HO2'" sing N N 22  
A   "C1'" N9     sing N N 23  
A   "C1'" "H1'"  sing N N 24  
A   N9    C8     sing Y N 25  
A   N9    C4     sing Y N 26  
A   C8    N7     doub Y N 27  
A   C8    H8     sing N N 28  
A   N7    C5     sing Y N 29  
A   C5    C6     sing Y N 30  
A   C5    C4     doub Y N 31  
A   C6    N6     sing N N 32  
A   C6    N1     doub Y N 33  
A   N6    H61    sing N N 34  
A   N6    H62    sing N N 35  
A   N1    C2     sing Y N 36  
A   C2    N3     doub Y N 37  
A   C2    H2     sing N N 38  
A   N3    C4     sing Y N 39  
C   OP3   P      sing N N 40  
C   OP3   HOP3   sing N N 41  
C   P     OP1    doub N N 42  
C   P     OP2    sing N N 43  
C   P     "O5'"  sing N N 44  
C   OP2   HOP2   sing N N 45  
C   "O5'" "C5'"  sing N N 46  
C   "C5'" "C4'"  sing N N 47  
C   "C5'" "H5'"  sing N N 48  
C   "C5'" "H5''" sing N N 49  
C   "C4'" "O4'"  sing N N 50  
C   "C4'" "C3'"  sing N N 51  
C   "C4'" "H4'"  sing N N 52  
C   "O4'" "C1'"  sing N N 53  
C   "C3'" "O3'"  sing N N 54  
C   "C3'" "C2'"  sing N N 55  
C   "C3'" "H3'"  sing N N 56  
C   "O3'" "HO3'" sing N N 57  
C   "C2'" "O2'"  sing N N 58  
C   "C2'" "C1'"  sing N N 59  
C   "C2'" "H2'"  sing N N 60  
C   "O2'" "HO2'" sing N N 61  
C   "C1'" N1     sing N N 62  
C   "C1'" "H1'"  sing N N 63  
C   N1    C2     sing N N 64  
C   N1    C6     sing N N 65  
C   C2    O2     doub N N 66  
C   C2    N3     sing N N 67  
C   N3    C4     doub N N 68  
C   C4    N4     sing N N 69  
C   C4    C5     sing N N 70  
C   N4    H41    sing N N 71  
C   N4    H42    sing N N 72  
C   C5    C6     doub N N 73  
C   C5    H5     sing N N 74  
C   C6    H6     sing N N 75  
G   OP3   P      sing N N 76  
G   OP3   HOP3   sing N N 77  
G   P     OP1    doub N N 78  
G   P     OP2    sing N N 79  
G   P     "O5'"  sing N N 80  
G   OP2   HOP2   sing N N 81  
G   "O5'" "C5'"  sing N N 82  
G   "C5'" "C4'"  sing N N 83  
G   "C5'" "H5'"  sing N N 84  
G   "C5'" "H5''" sing N N 85  
G   "C4'" "O4'"  sing N N 86  
G   "C4'" "C3'"  sing N N 87  
G   "C4'" "H4'"  sing N N 88  
G   "O4'" "C1'"  sing N N 89  
G   "C3'" "O3'"  sing N N 90  
G   "C3'" "C2'"  sing N N 91  
G   "C3'" "H3'"  sing N N 92  
G   "O3'" "HO3'" sing N N 93  
G   "C2'" "O2'"  sing N N 94  
G   "C2'" "C1'"  sing N N 95  
G   "C2'" "H2'"  sing N N 96  
G   "O2'" "HO2'" sing N N 97  
G   "C1'" N9     sing N N 98  
G   "C1'" "H1'"  sing N N 99  
G   N9    C8     sing Y N 100 
G   N9    C4     sing Y N 101 
G   C8    N7     doub Y N 102 
G   C8    H8     sing N N 103 
G   N7    C5     sing Y N 104 
G   C5    C6     sing N N 105 
G   C5    C4     doub Y N 106 
G   C6    O6     doub N N 107 
G   C6    N1     sing N N 108 
G   N1    C2     sing N N 109 
G   N1    H1     sing N N 110 
G   C2    N2     sing N N 111 
G   C2    N3     doub N N 112 
G   N2    H21    sing N N 113 
G   N2    H22    sing N N 114 
G   N3    C4     sing N N 115 
HOH O     H1     sing N N 116 
HOH O     H2     sing N N 117 
U   OP3   P      sing N N 118 
U   OP3   HOP3   sing N N 119 
U   P     OP1    doub N N 120 
U   P     OP2    sing N N 121 
U   P     "O5'"  sing N N 122 
U   OP2   HOP2   sing N N 123 
U   "O5'" "C5'"  sing N N 124 
U   "C5'" "C4'"  sing N N 125 
U   "C5'" "H5'"  sing N N 126 
U   "C5'" "H5''" sing N N 127 
U   "C4'" "O4'"  sing N N 128 
U   "C4'" "C3'"  sing N N 129 
U   "C4'" "H4'"  sing N N 130 
U   "O4'" "C1'"  sing N N 131 
U   "C3'" "O3'"  sing N N 132 
U   "C3'" "C2'"  sing N N 133 
U   "C3'" "H3'"  sing N N 134 
U   "O3'" "HO3'" sing N N 135 
U   "C2'" "O2'"  sing N N 136 
U   "C2'" "C1'"  sing N N 137 
U   "C2'" "H2'"  sing N N 138 
U   "O2'" "HO2'" sing N N 139 
U   "C1'" N1     sing N N 140 
U   "C1'" "H1'"  sing N N 141 
U   N1    C2     sing N N 142 
U   N1    C6     sing N N 143 
U   C2    O2     doub N N 144 
U   C2    N3     sing N N 145 
U   N3    C4     sing N N 146 
U   N3    H3     sing N N 147 
U   C4    O4     doub N N 148 
U   C4    C5     sing N N 149 
U   C5    C6     doub N N 150 
U   C5    H5     sing N N 151 
U   C6    H6     sing N N 152 
# 
loop_
_ndb_struct_conf_na.entry_id 
_ndb_struct_conf_na.feature 
413D 'double helix'         
413D 'a-form double helix'  
413D 'mismatched base pair' 
# 
loop_
_ndb_struct_na_base_pair.model_number 
_ndb_struct_na_base_pair.i_label_asym_id 
_ndb_struct_na_base_pair.i_label_comp_id 
_ndb_struct_na_base_pair.i_label_seq_id 
_ndb_struct_na_base_pair.i_symmetry 
_ndb_struct_na_base_pair.j_label_asym_id 
_ndb_struct_na_base_pair.j_label_comp_id 
_ndb_struct_na_base_pair.j_label_seq_id 
_ndb_struct_na_base_pair.j_symmetry 
_ndb_struct_na_base_pair.shear 
_ndb_struct_na_base_pair.stretch 
_ndb_struct_na_base_pair.stagger 
_ndb_struct_na_base_pair.buckle 
_ndb_struct_na_base_pair.propeller 
_ndb_struct_na_base_pair.opening 
_ndb_struct_na_base_pair.pair_number 
_ndb_struct_na_base_pair.pair_name 
_ndb_struct_na_base_pair.i_auth_asym_id 
_ndb_struct_na_base_pair.i_auth_seq_id 
_ndb_struct_na_base_pair.i_PDB_ins_code 
_ndb_struct_na_base_pair.j_auth_asym_id 
_ndb_struct_na_base_pair.j_auth_seq_id 
_ndb_struct_na_base_pair.j_PDB_ins_code 
_ndb_struct_na_base_pair.hbond_type_28 
_ndb_struct_na_base_pair.hbond_type_12 
1 A G 2  1_555 A C 13 2_555 -0.264 -0.188 -0.298 -5.335  -3.179  0.702   1  A_G2:C13_A A 2  ? A 13 ? 19 1 
1 A A 3  1_555 A U 12 2_555 -0.039 -0.184 -0.104 -1.116  -12.357 8.664   2  A_A3:U12_A A 3  ? A 12 ? 20 1 
1 A G 4  1_555 A C 11 2_555 -0.330 -0.121 -0.130 0.780   -2.989  0.253   3  A_G4:C11_A A 4  ? A 11 ? 19 1 
1 A C 5  1_555 A G 10 2_555 0.352  -0.213 -0.246 6.111   -4.130  0.289   4  A_C5:G10_A A 5  ? A 10 ? 19 1 
1 A U 6  1_555 A G 9  2_555 2.425  -0.449 -0.174 -2.589  -5.752  2.587   5  A_U6:G9_A  A 6  ? A 9  ? 28 ? 
1 A U 7  1_555 A C 8  2_555 -0.768 0.134  0.147  -10.136 10.807  -35.149 6  A_U7:C8_A  A 7  ? A 8  ? ?  ? 
1 A C 8  1_555 A U 7  2_555 0.768  0.134  0.147  10.136  10.807  -35.149 7  A_C8:U7_A  A 8  ? A 7  ? ?  ? 
1 A G 9  1_555 A U 6  2_555 -2.425 -0.449 -0.174 2.589   -5.752  2.587   8  A_G9:U6_A  A 9  ? A 6  ? 28 ? 
1 A G 10 1_555 A C 5  2_555 -0.352 -0.213 -0.246 -6.111  -4.130  0.289   9  A_G10:C5_A A 10 ? A 5  ? 19 1 
1 A C 11 1_555 A G 4  2_555 0.330  -0.121 -0.130 -0.780  -2.989  0.253   10 A_C11:G4_A A 11 ? A 4  ? 19 1 
1 A U 12 1_555 A A 3  2_555 0.039  -0.184 -0.104 1.116   -12.358 8.664   11 A_U12:A3_A A 12 ? A 3  ? 20 1 
1 A C 13 1_555 A G 2  2_555 0.264  -0.188 -0.298 5.335   -3.179  0.702   12 A_C13:G2_A A 13 ? A 2  ? 19 1 
# 
loop_
_ndb_struct_na_base_pair_step.model_number 
_ndb_struct_na_base_pair_step.i_label_asym_id_1 
_ndb_struct_na_base_pair_step.i_label_comp_id_1 
_ndb_struct_na_base_pair_step.i_label_seq_id_1 
_ndb_struct_na_base_pair_step.i_symmetry_1 
_ndb_struct_na_base_pair_step.j_label_asym_id_1 
_ndb_struct_na_base_pair_step.j_label_comp_id_1 
_ndb_struct_na_base_pair_step.j_label_seq_id_1 
_ndb_struct_na_base_pair_step.j_symmetry_1 
_ndb_struct_na_base_pair_step.i_label_asym_id_2 
_ndb_struct_na_base_pair_step.i_label_comp_id_2 
_ndb_struct_na_base_pair_step.i_label_seq_id_2 
_ndb_struct_na_base_pair_step.i_symmetry_2 
_ndb_struct_na_base_pair_step.j_label_asym_id_2 
_ndb_struct_na_base_pair_step.j_label_comp_id_2 
_ndb_struct_na_base_pair_step.j_label_seq_id_2 
_ndb_struct_na_base_pair_step.j_symmetry_2 
_ndb_struct_na_base_pair_step.shift 
_ndb_struct_na_base_pair_step.slide 
_ndb_struct_na_base_pair_step.rise 
_ndb_struct_na_base_pair_step.tilt 
_ndb_struct_na_base_pair_step.roll 
_ndb_struct_na_base_pair_step.twist 
_ndb_struct_na_base_pair_step.x_displacement 
_ndb_struct_na_base_pair_step.y_displacement 
_ndb_struct_na_base_pair_step.helical_rise 
_ndb_struct_na_base_pair_step.inclination 
_ndb_struct_na_base_pair_step.tip 
_ndb_struct_na_base_pair_step.helical_twist 
_ndb_struct_na_base_pair_step.step_number 
_ndb_struct_na_base_pair_step.step_name 
_ndb_struct_na_base_pair_step.i_auth_asym_id_1 
_ndb_struct_na_base_pair_step.i_auth_seq_id_1 
_ndb_struct_na_base_pair_step.i_PDB_ins_code_1 
_ndb_struct_na_base_pair_step.j_auth_asym_id_1 
_ndb_struct_na_base_pair_step.j_auth_seq_id_1 
_ndb_struct_na_base_pair_step.j_PDB_ins_code_1 
_ndb_struct_na_base_pair_step.i_auth_asym_id_2 
_ndb_struct_na_base_pair_step.i_auth_seq_id_2 
_ndb_struct_na_base_pair_step.i_PDB_ins_code_2 
_ndb_struct_na_base_pair_step.j_auth_asym_id_2 
_ndb_struct_na_base_pair_step.j_auth_seq_id_2 
_ndb_struct_na_base_pair_step.j_PDB_ins_code_2 
1 A G 2  1_555 A C 13 2_555 A A 3  1_555 A U 12 2_555 -0.106 -1.601 3.259 -1.933 5.679 30.995 -3.951 -0.147 2.928 10.504 3.575  
31.556 1  AA_G2A3:U12C13_AA A 2  ? A 13 ? A 3  ? A 12 ? 
1 A A 3  1_555 A U 12 2_555 A G 4  1_555 A C 11 2_555 -0.494 -1.569 3.232 -1.207 7.176 30.203 -4.223 0.705  2.811 13.526 2.275  
31.047 2  AA_A3G4:C11U12_AA A 3  ? A 12 ? A 4  ? A 11 ? 
1 A G 4  1_555 A C 11 2_555 A C 5  1_555 A G 10 2_555 0.730  -2.311 3.238 2.821  2.545 27.722 -5.366 -0.862 3.075 5.280  -5.853 
27.976 3  AA_G4C5:G10C11_AA A 4  ? A 11 ? A 5  ? A 10 ? 
1 A C 5  1_555 A G 10 2_555 A U 6  1_555 A G 9  2_555 0.605  -2.038 3.453 3.965  7.611 43.082 -3.458 -0.428 3.108 10.242 -5.335 
43.889 4  AA_C5U6:G9G10_AA  A 5  ? A 10 ? A 6  ? A 9  ? 
1 A U 6  1_555 A G 9  2_555 A U 7  1_555 A C 8  2_555 -3.356 -2.235 3.610 1.324  9.687 18.397 -9.955 9.804  1.952 27.890 -3.813 
20.814 5  AA_U6U7:C8G9_AA   A 6  ? A 9  ? A 7  ? A 8  ? 
1 A U 7  1_555 A C 8  2_555 A C 8  1_555 A U 7  2_555 0.000  -1.778 3.121 0.000  2.306 35.825 -3.193 0.000  3.004 3.744  0.000  
35.897 6  AA_U7C8:U7C8_AA   A 7  ? A 8  ? A 8  ? A 7  ? 
1 A C 8  1_555 A U 7  2_555 A G 9  1_555 A U 6  2_555 3.356  -2.235 3.610 -1.324 9.687 18.397 -9.955 -9.804 1.952 27.890 3.813  
20.814 7  AA_C8G9:U6U7_AA   A 8  ? A 7  ? A 9  ? A 6  ? 
1 A G 9  1_555 A U 6  2_555 A G 10 1_555 A C 5  2_555 -0.605 -2.038 3.453 -3.965 7.611 43.082 -3.458 0.428  3.108 10.242 5.335  
43.889 8  AA_G9G10:C5U6_AA  A 9  ? A 6  ? A 10 ? A 5  ? 
1 A G 10 1_555 A C 5  2_555 A C 11 1_555 A G 4  2_555 -0.730 -2.311 3.238 -2.821 2.545 27.722 -5.366 0.862  3.075 5.279  5.853  
27.976 9  AA_G10C11:G4C5_AA A 10 ? A 5  ? A 11 ? A 4  ? 
1 A C 11 1_555 A G 4  2_555 A U 12 1_555 A A 3  2_555 0.494  -1.569 3.232 1.207  7.176 30.203 -4.223 -0.705 2.811 13.526 -2.275 
31.047 10 AA_C11U12:A3G4_AA A 11 ? A 4  ? A 12 ? A 3  ? 
1 A U 12 1_555 A A 3  2_555 A C 13 1_555 A G 2  2_555 0.106  -1.601 3.259 1.933  5.679 30.995 -3.951 0.147  2.928 10.504 -3.575 
31.556 11 AA_U12C13:G2A3_AA A 12 ? A 3  ? A 13 ? A 2  ? 
# 
_atom_sites.entry_id                    413D 
_atom_sites.Cartn_transform_axes        ? 
_atom_sites.fract_transf_matrix[1][1]   0.00918443 
_atom_sites.fract_transf_matrix[1][2]   -0.01834561 
_atom_sites.fract_transf_matrix[1][3]   -0.02092710 
_atom_sites.fract_transf_matrix[2][1]   -0.02343769 
_atom_sites.fract_transf_matrix[2][2]   0.00895636 
_atom_sites.fract_transf_matrix[2][3]   -0.01813781 
_atom_sites.fract_transf_matrix[3][1]   0.01901110 
_atom_sites.fract_transf_matrix[3][2]   0.01025515 
_atom_sites.fract_transf_matrix[3][3]   -0.01950221 
_atom_sites.fract_transf_vector[1]      0.019854 
_atom_sites.fract_transf_vector[2]      -0.052378 
_atom_sites.fract_transf_vector[3]      0.025990 
# 
loop_
_atom_type.symbol 
C 
N 
O 
P 
# 
loop_
_atom_site.group_PDB 
_atom_site.id 
_atom_site.type_symbol 
_atom_site.label_atom_id 
_atom_site.label_alt_id 
_atom_site.label_comp_id 
_atom_site.label_asym_id 
_atom_site.label_entity_id 
_atom_site.label_seq_id 
_atom_site.pdbx_PDB_ins_code 
_atom_site.Cartn_x 
_atom_site.Cartn_y 
_atom_site.Cartn_z 
_atom_site.occupancy 
_atom_site.B_iso_or_equiv 
_atom_site.pdbx_formal_charge 
_atom_site.auth_seq_id 
_atom_site.auth_comp_id 
_atom_site.auth_asym_id 
_atom_site.auth_atom_id 
_atom_site.pdbx_PDB_model_num 
ATOM   1   O "O5'" A U   A 1 1  ? 12.803  6.335   -10.866 0.50 25.67 ? 1  U   A "O5'" 1 
ATOM   2   O "O5'" B U   A 1 1  ? 12.579  9.811   -8.931  0.50 21.80 ? 1  U   A "O5'" 1 
ATOM   3   C "C5'" A U   A 1 1  ? 13.131  7.700   -10.581 0.50 24.23 ? 1  U   A "C5'" 1 
ATOM   4   C "C5'" B U   A 1 1  ? 13.056  8.677   -9.657  0.50 21.18 ? 1  U   A "C5'" 1 
ATOM   5   C "C4'" A U   A 1 1  ? 14.145  7.810   -9.466  0.50 23.31 ? 1  U   A "C4'" 1 
ATOM   6   C "C4'" B U   A 1 1  ? 14.293  8.071   -9.034  0.50 22.11 ? 1  U   A "C4'" 1 
ATOM   7   O "O4'" A U   A 1 1  ? 14.607  9.185   -9.369  0.50 22.25 ? 1  U   A "O4'" 1 
ATOM   8   O "O4'" B U   A 1 1  ? 15.254  9.127   -8.753  0.50 21.70 ? 1  U   A "O4'" 1 
ATOM   9   C "C3'" A U   A 1 1  ? 13.632  7.503   -8.069  0.50 22.95 ? 1  U   A "C3'" 1 
ATOM   10  C "C3'" B U   A 1 1  ? 14.089  7.407   -7.682  0.50 22.37 ? 1  U   A "C3'" 1 
ATOM   11  O "O3'" A U   A 1 1  ? 13.593  6.108   -7.799  0.50 24.84 ? 1  U   A "O3'" 1 
ATOM   12  O "O3'" B U   A 1 1  ? 13.606  6.078   -7.803  0.50 24.63 ? 1  U   A "O3'" 1 
ATOM   13  C "C2'" A U   A 1 1  ? 14.655  8.225   -7.199  0.50 21.88 ? 1  U   A "C2'" 1 
ATOM   14  C "C2'" B U   A 1 1  ? 15.494  7.450   -7.103  0.50 21.49 ? 1  U   A "C2'" 1 
ATOM   15  O "O2'" A U   A 1 1  ? 15.871  7.513   -7.081  0.50 21.53 ? 1  U   A "O2'" 1 
ATOM   16  O "O2'" B U   A 1 1  ? 16.350  6.462   -7.643  0.50 21.45 ? 1  U   A "O2'" 1 
ATOM   17  C "C1'" A U   A 1 1  ? 14.882  9.502   -8.011  0.50 20.31 ? 1  U   A "C1'" 1 
ATOM   18  C "C1'" B U   A 1 1  ? 15.940  8.844   -7.542  0.50 20.80 ? 1  U   A "C1'" 1 
ATOM   19  N N1    A U   A 1 1  ? 13.987  10.592  -7.603  0.50 18.38 ? 1  U   A N1    1 
ATOM   20  N N1    B U   A 1 1  ? 15.560  9.857   -6.550  0.50 19.86 ? 1  U   A N1    1 
ATOM   21  C C2    A U   A 1 1  ? 14.235  11.206  -6.390  0.50 17.68 ? 1  U   A C2    1 
ATOM   22  C C2    B U   A 1 1  ? 16.305  9.926   -5.391  0.50 19.55 ? 1  U   A C2    1 
ATOM   23  O O2    A U   A 1 1  ? 15.165  10.891  -5.666  0.50 17.39 ? 1  U   A O2    1 
ATOM   24  O O2    B U   A 1 1  ? 17.261  9.199   -5.177  0.50 19.86 ? 1  U   A O2    1 
ATOM   25  N N3    A U   A 1 1  ? 13.355  12.203  -6.054  0.50 17.29 ? 1  U   A N3    1 
ATOM   26  N N3    B U   A 1 1  ? 15.889  10.875  -4.490  0.50 19.22 ? 1  U   A N3    1 
ATOM   27  C C4    A U   A 1 1  ? 12.282  12.645  -6.796  0.50 17.58 ? 1  U   A C4    1 
ATOM   28  C C4    B U   A 1 1  ? 14.827  11.745  -4.631  0.50 19.24 ? 1  U   A C4    1 
ATOM   29  O O4    A U   A 1 1  ? 11.581  13.559  -6.361  0.50 18.26 ? 1  U   A O4    1 
ATOM   30  O O4    B U   A 1 1  ? 14.568  12.538  -3.725  0.50 19.48 ? 1  U   A O4    1 
ATOM   31  C C5    A U   A 1 1  ? 12.096  11.966  -8.042  0.50 17.52 ? 1  U   A C5    1 
ATOM   32  C C5    B U   A 1 1  ? 14.109  11.616  -5.863  0.50 19.22 ? 1  U   A C5    1 
ATOM   33  C C6    A U   A 1 1  ? 12.934  10.987  -8.392  0.50 17.54 ? 1  U   A C6    1 
ATOM   34  C C6    B U   A 1 1  ? 14.493  10.701  -6.760  0.50 19.46 ? 1  U   A C6    1 
ATOM   35  P P     . G   A 1 2  ? 12.506  5.538   -6.760  1.00 26.43 ? 2  G   A P     1 
ATOM   36  O OP1   . G   A 1 2  ? 12.591  4.055   -6.728  1.00 26.08 ? 2  G   A OP1   1 
ATOM   37  O OP2   . G   A 1 2  ? 11.217  6.190   -7.092  1.00 27.60 ? 2  G   A OP2   1 
ATOM   38  O "O5'" . G   A 1 2  ? 12.973  6.124   -5.348  1.00 24.82 ? 2  G   A "O5'" 1 
ATOM   39  C "C5'" . G   A 1 2  ? 14.212  5.728   -4.769  1.00 24.31 ? 2  G   A "C5'" 1 
ATOM   40  C "C4'" . G   A 1 2  ? 14.523  6.544   -3.532  1.00 22.42 ? 2  G   A "C4'" 1 
ATOM   41  O "O4'" . G   A 1 2  ? 14.470  7.961   -3.842  1.00 21.80 ? 2  G   A "O4'" 1 
ATOM   42  C "C3'" . G   A 1 2  ? 13.581  6.428   -2.349  1.00 21.28 ? 2  G   A "C3'" 1 
ATOM   43  O "O3'" . G   A 1 2  ? 13.851  5.264   -1.599  1.00 20.54 ? 2  G   A "O3'" 1 
ATOM   44  C "C2'" . G   A 1 2  ? 13.952  7.667   -1.555  1.00 20.25 ? 2  G   A "C2'" 1 
ATOM   45  O "O2'" . G   A 1 2  ? 15.193  7.515   -0.900  1.00 21.59 ? 2  G   A "O2'" 1 
ATOM   46  C "C1'" . G   A 1 2  ? 14.116  8.687   -2.676  1.00 19.20 ? 2  G   A "C1'" 1 
ATOM   47  N N9    . G   A 1 2  ? 12.882  9.414   -2.945  1.00 17.08 ? 2  G   A N9    1 
ATOM   48  C C8    . G   A 1 2  ? 12.087  9.315   -4.061  1.00 15.76 ? 2  G   A C8    1 
ATOM   49  N N7    . G   A 1 2  ? 11.057  10.117  -4.026  1.00 15.97 ? 2  G   A N7    1 
ATOM   50  C C5    . G   A 1 2  ? 11.176  10.780  -2.811  1.00 14.69 ? 2  G   A C5    1 
ATOM   51  C C6    . G   A 1 2  ? 10.359  11.782  -2.227  1.00 14.24 ? 2  G   A C6    1 
ATOM   52  O O6    . G   A 1 2  ? 9.335   12.311  -2.685  1.00 14.30 ? 2  G   A O6    1 
ATOM   53  N N1    . G   A 1 2  ? 10.841  12.169  -0.982  1.00 13.62 ? 2  G   A N1    1 
ATOM   54  C C2    . G   A 1 2  ? 11.965  11.663  -0.376  1.00 13.75 ? 2  G   A C2    1 
ATOM   55  N N2    . G   A 1 2  ? 12.258  12.145  0.839   1.00 13.21 ? 2  G   A N2    1 
ATOM   56  N N3    . G   A 1 2  ? 12.743  10.743  -0.919  1.00 13.64 ? 2  G   A N3    1 
ATOM   57  C C4    . G   A 1 2  ? 12.290  10.349  -2.127  1.00 15.40 ? 2  G   A C4    1 
ATOM   58  P P     . A   A 1 3  ? 12.694  4.619   -0.699  1.00 20.02 ? 3  A   A P     1 
ATOM   59  O OP1   . A   A 1 3  ? 13.209  3.353   -0.145  1.00 22.38 ? 3  A   A OP1   1 
ATOM   60  O OP2   . A   A 1 3  ? 11.442  4.621   -1.485  1.00 18.58 ? 3  A   A OP2   1 
ATOM   61  O "O5'" . A   A 1 3  ? 12.545  5.635   0.507   1.00 19.36 ? 3  A   A "O5'" 1 
ATOM   62  C "C5'" . A   A 1 3  ? 13.598  5.790   1.437   1.00 17.64 ? 3  A   A "C5'" 1 
ATOM   63  C "C4'" . A   A 1 3  ? 13.185  6.738   2.523   1.00 16.93 ? 3  A   A "C4'" 1 
ATOM   64  O "O4'" . A   A 1 3  ? 12.977  8.047   1.940   1.00 16.75 ? 3  A   A "O4'" 1 
ATOM   65  C "C3'" . A   A 1 3  ? 11.852  6.425   3.174   1.00 15.38 ? 3  A   A "C3'" 1 
ATOM   66  O "O3'" . A   A 1 3  ? 11.985  5.432   4.173   1.00 15.07 ? 3  A   A "O3'" 1 
ATOM   67  C "C2'" . A   A 1 3  ? 11.463  7.779   3.739   1.00 15.29 ? 3  A   A "C2'" 1 
ATOM   68  O "O2'" . A   A 1 3  ? 12.169  8.117   4.915   1.00 16.69 ? 3  A   A "O2'" 1 
ATOM   69  C "C1'" . A   A 1 3  ? 11.904  8.697   2.601   1.00 13.84 ? 3  A   A "C1'" 1 
ATOM   70  N N9    . A   A 1 3  ? 10.848  8.917   1.622   1.00 10.98 ? 3  A   A N9    1 
ATOM   71  C C8    . A   A 1 3  ? 10.659  8.283   0.421   1.00 10.40 ? 3  A   A C8    1 
ATOM   72  N N7    . A   A 1 3  ? 9.620   8.714   -0.248  1.00 9.49  ? 3  A   A N7    1 
ATOM   73  C C5    . A   A 1 3  ? 9.084   9.698   0.574   1.00 9.85  ? 3  A   A C5    1 
ATOM   74  C C6    . A   A 1 3  ? 7.970   10.537  0.441   1.00 8.98  ? 3  A   A C6    1 
ATOM   75  N N6    . A   A 1 3  ? 7.154   10.522  -0.609  1.00 8.89  ? 3  A   A N6    1 
ATOM   76  N N1    . A   A 1 3  ? 7.718   11.404  1.438   1.00 8.68  ? 3  A   A N1    1 
ATOM   77  C C2    . A   A 1 3  ? 8.526   11.417  2.498   1.00 9.68  ? 3  A   A C2    1 
ATOM   78  N N3    . A   A 1 3  ? 9.599   10.678  2.744   1.00 10.07 ? 3  A   A N3    1 
ATOM   79  C C4    . A   A 1 3  ? 9.828   9.828   1.728   1.00 10.55 ? 3  A   A C4    1 
ATOM   80  P P     . G   A 1 4  ? 10.737  4.497   4.511   1.00 15.02 ? 4  G   A P     1 
ATOM   81  O OP1   . G   A 1 4  ? 11.205  3.359   5.337   1.00 15.84 ? 4  G   A OP1   1 
ATOM   82  O OP2   . G   A 1 4  ? 10.016  4.229   3.246   1.00 17.49 ? 4  G   A OP2   1 
ATOM   83  O "O5'" . G   A 1 4  ? 9.794   5.432   5.384   1.00 15.24 ? 4  G   A "O5'" 1 
ATOM   84  C "C5'" . G   A 1 4  ? 10.234  5.957   6.622   1.00 13.27 ? 4  G   A "C5'" 1 
ATOM   85  C "C4'" . G   A 1 4  ? 9.190   6.876   7.189   1.00 11.52 ? 4  G   A "C4'" 1 
ATOM   86  O "O4'" . G   A 1 4  ? 9.099   8.056   6.357   1.00 11.29 ? 4  G   A "O4'" 1 
ATOM   87  C "C3'" . G   A 1 4  ? 7.775   6.333   7.187   1.00 11.46 ? 4  G   A "C3'" 1 
ATOM   88  O "O3'" . G   A 1 4  ? 7.537   5.491   8.297   1.00 11.68 ? 4  G   A "O3'" 1 
ATOM   89  C "C2'" . G   A 1 4  ? 6.956   7.608   7.267   1.00 10.20 ? 4  G   A "C2'" 1 
ATOM   90  O "O2'" . G   A 1 4  ? 6.907   8.131   8.575   1.00 9.63  ? 4  G   A "O2'" 1 
ATOM   91  C "C1'" . G   A 1 4  ? 7.762   8.523   6.347   1.00 10.60 ? 4  G   A "C1'" 1 
ATOM   92  N N9    . G   A 1 4  ? 7.268   8.473   4.976   1.00 9.86  ? 4  G   A N9    1 
ATOM   93  C C8    . G   A 1 4  ? 7.731   7.707   3.931   1.00 9.39  ? 4  G   A C8    1 
ATOM   94  N N7    . G   A 1 4  ? 7.060   7.894   2.829   1.00 9.43  ? 4  G   A N7    1 
ATOM   95  C C5    . G   A 1 4  ? 6.099   8.836   3.170   1.00 8.92  ? 4  G   A C5    1 
ATOM   96  C C6    . G   A 1 4  ? 5.087   9.436   2.391   1.00 8.43  ? 4  G   A C6    1 
ATOM   97  O O6    . G   A 1 4  ? 4.825   9.256   1.200   1.00 8.38  ? 4  G   A O6    1 
ATOM   98  N N1    . G   A 1 4  ? 4.336   10.335  3.137   1.00 8.89  ? 4  G   A N1    1 
ATOM   99  C C2    . G   A 1 4  ? 4.534   10.625  4.461   1.00 8.62  ? 4  G   A C2    1 
ATOM   100 N N2    . G   A 1 4  ? 3.707   11.527  5.014   1.00 7.57  ? 4  G   A N2    1 
ATOM   101 N N3    . G   A 1 4  ? 5.478   10.073  5.193   1.00 9.90  ? 4  G   A N3    1 
ATOM   102 C C4    . G   A 1 4  ? 6.215   9.196   4.488   1.00 9.09  ? 4  G   A C4    1 
ATOM   103 P P     . C   A 1 5  ? 6.318   4.452   8.253   1.00 11.63 ? 5  C   A P     1 
ATOM   104 O OP1   . C   A 1 5  ? 6.422   3.545   9.415   1.00 13.67 ? 5  C   A OP1   1 
ATOM   105 O OP2   . C   A 1 5  ? 6.241   3.881   6.895   1.00 12.37 ? 5  C   A OP2   1 
ATOM   106 O "O5'" . C   A 1 5  ? 5.058   5.384   8.487   1.00 10.65 ? 5  C   A "O5'" 1 
ATOM   107 C "C5'" . C   A 1 5  ? 3.809   5.073   7.919   1.00 9.85  ? 5  C   A "C5'" 1 
ATOM   108 C "C4'" . C   A 1 5  ? 2.932   6.287   7.964   1.00 9.48  ? 5  C   A "C4'" 1 
ATOM   109 O "O4'" . C   A 1 5  ? 3.469   7.289   7.062   1.00 11.36 ? 5  C   A "O4'" 1 
ATOM   110 C "C3'" . C   A 1 5  ? 1.521   6.048   7.475   1.00 9.48  ? 5  C   A "C3'" 1 
ATOM   111 O "O3'" . C   A 1 5  ? 0.727   5.553   8.537   1.00 8.45  ? 5  C   A "O3'" 1 
ATOM   112 C "C2'" . C   A 1 5  ? 1.108   7.438   7.021   1.00 8.24  ? 5  C   A "C2'" 1 
ATOM   113 O "O2'" . C   A 1 5  ? 0.728   8.272   8.098   1.00 8.69  ? 5  C   A "O2'" 1 
ATOM   114 C "C1'" . C   A 1 5  ? 2.408   7.934   6.382   1.00 8.46  ? 5  C   A "C1'" 1 
ATOM   115 N N1    . C   A 1 5  ? 2.510   7.585   4.957   1.00 8.40  ? 5  C   A N1    1 
ATOM   116 C C2    . C   A 1 5  ? 1.669   8.228   4.045   1.00 7.88  ? 5  C   A C2    1 
ATOM   117 O O2    . C   A 1 5  ? 0.911   9.108   4.455   1.00 8.17  ? 5  C   A O2    1 
ATOM   118 N N3    . C   A 1 5  ? 1.715   7.884   2.746   1.00 7.39  ? 5  C   A N3    1 
ATOM   119 C C4    . C   A 1 5  ? 2.569   6.954   2.337   1.00 6.55  ? 5  C   A C4    1 
ATOM   120 N N4    . C   A 1 5  ? 2.569   6.642   1.047   1.00 6.80  ? 5  C   A N4    1 
ATOM   121 C C5    . C   A 1 5  ? 3.462   6.302   3.236   1.00 7.19  ? 5  C   A C5    1 
ATOM   122 C C6    . C   A 1 5  ? 3.400   6.643   4.524   1.00 7.03  ? 5  C   A C6    1 
ATOM   123 P P     . U   A 1 6  ? -0.279  4.339   8.274   1.00 10.92 ? 6  U   A P     1 
ATOM   124 O OP1   . U   A 1 6  ? -0.913  4.020   9.575   1.00 10.70 ? 6  U   A OP1   1 
ATOM   125 O OP2   . U   A 1 6  ? 0.421   3.282   7.524   1.00 10.64 ? 6  U   A OP2   1 
ATOM   126 O "O5'" . U   A 1 6  ? -1.377  4.960   7.302   1.00 10.68 ? 6  U   A "O5'" 1 
ATOM   127 C "C5'" . U   A 1 6  ? -2.185  6.061   7.717   1.00 9.35  ? 6  U   A "C5'" 1 
ATOM   128 C "C4'" . U   A 1 6  ? -3.026  6.561   6.561   1.00 8.24  ? 6  U   A "C4'" 1 
ATOM   129 O "O4'" . U   A 1 6  ? -2.179  7.198   5.571   1.00 9.53  ? 6  U   A "O4'" 1 
ATOM   130 C "C3'" . U   A 1 6  ? -3.757  5.495   5.763   1.00 8.95  ? 6  U   A "C3'" 1 
ATOM   131 O "O3'" . U   A 1 6  ? -4.954  5.097   6.410   1.00 8.60  ? 6  U   A "O3'" 1 
ATOM   132 C "C2'" . U   A 1 6  ? -4.034  6.232   4.463   1.00 8.69  ? 6  U   A "C2'" 1 
ATOM   133 O "O2'" . U   A 1 6  ? -5.114  7.136   4.581   1.00 8.19  ? 6  U   A "O2'" 1 
ATOM   134 C "C1'" . U   A 1 6  ? -2.721  6.996   4.277   1.00 8.52  ? 6  U   A "C1'" 1 
ATOM   135 N N1    . U   A 1 6  ? -1.756  6.224   3.481   1.00 8.78  ? 6  U   A N1    1 
ATOM   136 C C2    . U   A 1 6  ? -1.922  6.223   2.111   1.00 8.46  ? 6  U   A C2    1 
ATOM   137 O O2    . U   A 1 6  ? -2.796  6.857   1.552   1.00 9.25  ? 6  U   A O2    1 
ATOM   138 N N3    . U   A 1 6  ? -1.025  5.454   1.420   1.00 7.69  ? 6  U   A N3    1 
ATOM   139 C C4    . U   A 1 6  ? 0.005   4.703   1.947   1.00 7.97  ? 6  U   A C4    1 
ATOM   140 O O4    . U   A 1 6  ? 0.700   4.024   1.193   1.00 8.62  ? 6  U   A O4    1 
ATOM   141 C C5    . U   A 1 6  ? 0.126   4.769   3.370   1.00 7.21  ? 6  U   A C5    1 
ATOM   142 C C6    . U   A 1 6  ? -0.735  5.509   4.071   1.00 7.50  ? 6  U   A C6    1 
ATOM   143 P P     . U   A 1 7  ? -5.714  3.777   5.924   1.00 8.84  ? 7  U   A P     1 
ATOM   144 O OP1   . U   A 1 7  ? -6.425  3.207   7.079   1.00 11.14 ? 7  U   A OP1   1 
ATOM   145 O OP2   . U   A 1 7  ? -4.795  2.932   5.150   1.00 8.96  ? 7  U   A OP2   1 
ATOM   146 O "O5'" . U   A 1 7  ? -6.811  4.337   4.917   1.00 9.71  ? 7  U   A "O5'" 1 
ATOM   147 C "C5'" . U   A 1 7  ? -7.882  5.147   5.378   1.00 8.57  ? 7  U   A "C5'" 1 
ATOM   148 C "C4'" . U   A 1 7  ? -8.851  5.396   4.253   1.00 6.45  ? 7  U   A "C4'" 1 
ATOM   149 O "O4'" . U   A 1 7  ? -8.184  6.150   3.202   1.00 7.73  ? 7  U   A "O4'" 1 
ATOM   150 C "C3'" . U   A 1 7  ? -9.334  4.151   3.531   1.00 6.56  ? 7  U   A "C3'" 1 
ATOM   151 O "O3'" . U   A 1 7  ? -10.372 3.501   4.258   1.00 8.22  ? 7  U   A "O3'" 1 
ATOM   152 C "C2'" . U   A 1 7  ? -9.811  4.744   2.212   1.00 7.15  ? 7  U   A "C2'" 1 
ATOM   153 O "O2'" . U   A 1 7  ? -11.035 5.435   2.333   1.00 6.69  ? 7  U   A "O2'" 1 
ATOM   154 C "C1'" . U   A 1 7  ? -8.709  5.767   1.939   1.00 6.84  ? 7  U   A "C1'" 1 
ATOM   155 N N1    . U   A 1 7  ? -7.624  5.203   1.123   1.00 7.36  ? 7  U   A N1    1 
ATOM   156 C C2    . U   A 1 7  ? -7.869  5.043   -0.218  1.00 7.42  ? 7  U   A C2    1 
ATOM   157 O O2    . U   A 1 7  ? -8.922  5.361   -0.734  1.00 9.10  ? 7  U   A O2    1 
ATOM   158 N N3    . U   A 1 7  ? -6.838  4.499   -0.939  1.00 7.59  ? 7  U   A N3    1 
ATOM   159 C C4    . U   A 1 7  ? -5.609  4.106   -0.461  1.00 7.57  ? 7  U   A C4    1 
ATOM   160 O O4    . U   A 1 7  ? -4.795  3.597   -1.234  1.00 7.77  ? 7  U   A O4    1 
ATOM   161 C C5    . U   A 1 7  ? -5.427  4.308   0.942   1.00 7.02  ? 7  U   A C5    1 
ATOM   162 C C6    . U   A 1 7  ? -6.416  4.838   1.668   1.00 6.83  ? 7  U   A C6    1 
ATOM   163 P P     . C   A 1 8  ? -10.543 1.906   4.153   1.00 9.78  ? 8  C   A P     1 
ATOM   164 O OP1   . C   A 1 8  ? -11.583 1.496   5.132   1.00 10.80 ? 8  C   A OP1   1 
ATOM   165 O OP2   . C   A 1 8  ? -9.202  1.269   4.197   1.00 10.01 ? 8  C   A OP2   1 
ATOM   166 O "O5'" . C   A 1 8  ? -11.119 1.672   2.690   1.00 10.76 ? 8  C   A "O5'" 1 
ATOM   167 C "C5'" . C   A 1 8  ? -12.405 2.147   2.326   1.00 10.25 ? 8  C   A "C5'" 1 
ATOM   168 C "C4'" . C   A 1 8  ? -12.649 1.911   0.856   1.00 10.29 ? 8  C   A "C4'" 1 
ATOM   169 O "O4'" . C   A 1 8  ? -11.716 2.721   0.090   1.00 9.29  ? 8  C   A "O4'" 1 
ATOM   170 C "C3'" . C   A 1 8  ? -12.366 0.515   0.329   1.00 11.12 ? 8  C   A "C3'" 1 
ATOM   171 O "O3'" . C   A 1 8  ? -13.369 -0.446  0.619   1.00 11.69 ? 8  C   A "O3'" 1 
ATOM   172 C "C2'" . C   A 1 8  ? -12.238 0.784   -1.162  1.00 11.32 ? 8  C   A "C2'" 1 
ATOM   173 O "O2'" . C   A 1 8  ? -13.471 0.987   -1.827  1.00 12.70 ? 8  C   A "O2'" 1 
ATOM   174 C "C1'" . C   A 1 8  ? -11.424 2.074   -1.140  1.00 9.98  ? 8  C   A "C1'" 1 
ATOM   175 N N1    . C   A 1 8  ? -9.999  1.734   -1.159  1.00 10.23 ? 8  C   A N1    1 
ATOM   176 C C2    . C   A 1 8  ? -9.410  1.437   -2.383  1.00 10.51 ? 8  C   A C2    1 
ATOM   177 O O2    . C   A 1 8  ? -10.101 1.516   -3.411  1.00 12.03 ? 8  C   A O2    1 
ATOM   178 N N3    . C   A 1 8  ? -8.113  1.067   -2.420  1.00 10.59 ? 8  C   A N3    1 
ATOM   179 C C4    . C   A 1 8  ? -7.414  0.987   -1.288  1.00 10.25 ? 8  C   A C4    1 
ATOM   180 N N4    . C   A 1 8  ? -6.149  0.586   -1.370  1.00 9.64  ? 8  C   A N4    1 
ATOM   181 C C5    . C   A 1 8  ? -7.986  1.307   -0.022  1.00 9.93  ? 8  C   A C5    1 
ATOM   182 C C6    . C   A 1 8  ? -9.270  1.678   -0.006  1.00 10.16 ? 8  C   A C6    1 
ATOM   183 P P     . G   A 1 9  ? -12.946 -1.981  0.824   1.00 13.59 ? 9  G   A P     1 
ATOM   184 O OP1   . G   A 1 9  ? -14.136 -2.743  1.269   1.00 14.51 ? 9  G   A OP1   1 
ATOM   185 O OP2   . G   A 1 9  ? -11.722 -1.984  1.659   1.00 15.26 ? 9  G   A OP2   1 
ATOM   186 O "O5'" . G   A 1 9  ? -12.491 -2.491  -0.614  1.00 12.44 ? 9  G   A "O5'" 1 
ATOM   187 C "C5'" . G   A 1 9  ? -13.386 -2.499  -1.715  1.00 13.25 ? 9  G   A "C5'" 1 
ATOM   188 C "C4'" . G   A 1 9  ? -12.623 -2.658  -3.016  1.00 12.48 ? 9  G   A "C4'" 1 
ATOM   189 O "O4'" . G   A 1 9  ? -11.547 -1.678  -3.065  1.00 12.13 ? 9  G   A "O4'" 1 
ATOM   190 C "C3'" . G   A 1 9  ? -11.886 -3.967  -3.247  1.00 11.90 ? 9  G   A "C3'" 1 
ATOM   191 O "O3'" . G   A 1 9  ? -12.742 -5.000  -3.703  1.00 13.49 ? 9  G   A "O3'" 1 
ATOM   192 C "C2'" . G   A 1 9  ? -10.911 -3.565  -4.339  1.00 11.52 ? 9  G   A "C2'" 1 
ATOM   193 O "O2'" . G   A 1 9  ? -11.518 -3.457  -5.607  1.00 13.82 ? 9  G   A "O2'" 1 
ATOM   194 C "C1'" . G   A 1 9  ? -10.471 -2.189  -3.845  1.00 10.79 ? 9  G   A "C1'" 1 
ATOM   195 N N9    . G   A 1 9  ? -9.295  -2.330  -2.991  1.00 9.77  ? 9  G   A N9    1 
ATOM   196 C C8    . G   A 1 9  ? -9.201  -2.054  -1.651  1.00 9.44  ? 9  G   A C8    1 
ATOM   197 N N7    . G   A 1 9  ? -8.035  -2.358  -1.147  1.00 9.51  ? 9  G   A N7    1 
ATOM   198 C C5    . G   A 1 9  ? -7.306  -2.847  -2.225  1.00 9.27  ? 9  G   A C5    1 
ATOM   199 C C6    . G   A 1 9  ? -5.974  -3.349  -2.292  1.00 8.71  ? 9  G   A C6    1 
ATOM   200 O O6    . G   A 1 9  ? -5.153  -3.479  -1.381  1.00 9.37  ? 9  G   A O6    1 
ATOM   201 N N1    . G   A 1 9  ? -5.634  -3.731  -3.581  1.00 8.19  ? 9  G   A N1    1 
ATOM   202 C C2    . G   A 1 9  ? -6.460  -3.662  -4.664  1.00 8.40  ? 9  G   A C2    1 
ATOM   203 N N2    . G   A 1 9  ? -5.945  -4.104  -5.819  1.00 8.01  ? 9  G   A N2    1 
ATOM   204 N N3    . G   A 1 9  ? -7.704  -3.202  -4.622  1.00 8.98  ? 9  G   A N3    1 
ATOM   205 C C4    . G   A 1 9  ? -8.059  -2.816  -3.375  1.00 9.53  ? 9  G   A C4    1 
ATOM   206 P P     . G   A 1 10 ? -12.400 -6.530  -3.349  1.00 12.90 ? 10 G   A P     1 
ATOM   207 O OP1   . G   A 1 10 ? -13.539 -7.360  -3.800  1.00 14.01 ? 10 G   A OP1   1 
ATOM   208 O OP2   . G   A 1 10 ? -11.988 -6.565  -1.927  1.00 14.42 ? 10 G   A OP2   1 
ATOM   209 O "O5'" . G   A 1 10 ? -11.142 -6.873  -4.256  1.00 11.56 ? 10 G   A "O5'" 1 
ATOM   210 C "C5'" . G   A 1 10 ? -11.282 -7.042  -5.657  1.00 10.30 ? 10 G   A "C5'" 1 
ATOM   211 C "C4'" . G   A 1 10 ? -10.021 -7.632  -6.241  1.00 10.19 ? 10 G   A "C4'" 1 
ATOM   212 O "O4'" . G   A 1 10 ? -8.927  -6.685  -6.114  1.00 11.57 ? 10 G   A "O4'" 1 
ATOM   213 C "C3'" . G   A 1 10 ? -9.501  -8.883  -5.555  1.00 10.74 ? 10 G   A "C3'" 1 
ATOM   214 O "O3'" . G   A 1 10 ? -10.191 -10.043 -5.998  1.00 9.80  ? 10 G   A "O3'" 1 
ATOM   215 C "C2'" . G   A 1 10 ? -8.044  -8.871  -5.985  1.00 10.05 ? 10 G   A "C2'" 1 
ATOM   216 O "O2'" . G   A 1 10 ? -7.864  -9.274  -7.324  1.00 10.20 ? 10 G   A "O2'" 1 
ATOM   217 C "C1'" . G   A 1 10 ? -7.722  -7.386  -5.847  1.00 9.77  ? 10 G   A "C1'" 1 
ATOM   218 N N9    . G   A 1 10 ? -7.334  -7.084  -4.477  1.00 9.68  ? 10 G   A N9    1 
ATOM   219 C C8    . G   A 1 10 ? -8.061  -6.384  -3.544  1.00 8.91  ? 10 G   A C8    1 
ATOM   220 N N7    . G   A 1 10 ? -7.446  -6.271  -2.403  1.00 8.20  ? 10 G   A N7    1 
ATOM   221 C C5    . G   A 1 10 ? -6.244  -6.936  -2.592  1.00 8.66  ? 10 G   A C5    1 
ATOM   222 C C6    . G   A 1 10 ? -5.163  -7.143  -1.704  1.00 8.09  ? 10 G   A C6    1 
ATOM   223 O O6    . G   A 1 10 ? -5.049  -6.766  -0.535  1.00 8.35  ? 10 G   A O6    1 
ATOM   224 N N1    . G   A 1 10 ? -4.143  -7.871  -2.301  1.00 7.34  ? 10 G   A N1    1 
ATOM   225 C C2    . G   A 1 10 ? -4.160  -8.342  -3.587  1.00 7.65  ? 10 G   A C2    1 
ATOM   226 N N2    . G   A 1 10 ? -3.080  -9.011  -3.986  1.00 6.76  ? 10 G   A N2    1 
ATOM   227 N N3    . G   A 1 10 ? -5.165  -8.164  -4.421  1.00 9.18  ? 10 G   A N3    1 
ATOM   228 C C4    . G   A 1 10 ? -6.165  -7.450  -3.863  1.00 9.00  ? 10 G   A C4    1 
ATOM   229 P P     . C   A 1 11 ? -10.335 -11.305 -5.022  1.00 10.75 ? 11 C   A P     1 
ATOM   230 O OP1   . C   A 1 11 ? -11.237 -12.284 -5.655  1.00 10.89 ? 11 C   A OP1   1 
ATOM   231 O OP2   . C   A 1 11 ? -10.624 -10.835 -3.654  1.00 10.58 ? 11 C   A OP2   1 
ATOM   232 O "O5'" . C   A 1 11 ? -8.871  -11.927 -5.009  1.00 10.37 ? 11 C   A "O5'" 1 
ATOM   233 C "C5'" . C   A 1 11 ? -8.244  -12.291 -6.225  1.00 10.80 ? 11 C   A "C5'" 1 
ATOM   234 C "C4'" . C   A 1 11 ? -6.845  -12.794 -5.976  1.00 11.24 ? 11 C   A "C4'" 1 
ATOM   235 O "O4'" . C   A 1 11 ? -6.020  -11.703 -5.491  1.00 11.06 ? 11 C   A "O4'" 1 
ATOM   236 C "C3'" . C   A 1 11 ? -6.680  -13.873 -4.919  1.00 11.48 ? 11 C   A "C3'" 1 
ATOM   237 O "O3'" . C   A 1 11 ? -6.975  -15.158 -5.446  1.00 13.31 ? 11 C   A "O3'" 1 
ATOM   238 C "C2'" . C   A 1 11 ? -5.201  -13.735 -4.595  1.00 10.64 ? 11 C   A "C2'" 1 
ATOM   239 O "O2'" . C   A 1 11 ? -4.399  -14.253 -5.644  1.00 11.90 ? 11 C   A "O2'" 1 
ATOM   240 C "C1'" . C   A 1 11 ? -5.054  -12.216 -4.586  1.00 9.06  ? 11 C   A "C1'" 1 
ATOM   241 N N1    . C   A 1 11 ? -5.287  -11.612 -3.264  1.00 8.50  ? 11 C   A N1    1 
ATOM   242 C C2    . C   A 1 11 ? -4.299  -11.742 -2.294  1.00 7.23  ? 11 C   A C2    1 
ATOM   243 O O2    . C   A 1 11 ? -3.307  -12.413 -2.558  1.00 8.35  ? 11 C   A O2    1 
ATOM   244 N N3    . C   A 1 11 ? -4.457  -11.144 -1.100  1.00 6.58  ? 11 C   A N3    1 
ATOM   245 C C4    . C   A 1 11 ? -5.564  -10.450 -0.846  1.00 5.59  ? 11 C   A C4    1 
ATOM   246 N N4    . C   A 1 11 ? -5.673  -9.874  0.343   1.00 3.94  ? 11 C   A N4    1 
ATOM   247 C C5    . C   A 1 11 ? -6.612  -10.323 -1.805  1.00 6.06  ? 11 C   A C5    1 
ATOM   248 C C6    . C   A 1 11 ? -6.431  -10.917 -2.990  1.00 7.49  ? 11 C   A C6    1 
ATOM   249 P P     . U   A 1 12 ? -7.534  -16.299 -4.474  1.00 14.37 ? 12 U   A P     1 
ATOM   250 O OP1   . U   A 1 12 ? -7.850  -17.468 -5.316  1.00 15.57 ? 12 U   A OP1   1 
ATOM   251 O OP2   . U   A 1 12 ? -8.586  -15.717 -3.608  1.00 14.37 ? 12 U   A OP2   1 
ATOM   252 O "O5'" . U   A 1 12 ? -6.290  -16.664 -3.547  1.00 14.56 ? 12 U   A "O5'" 1 
ATOM   253 C "C5'" . U   A 1 12 ? -5.100  -17.217 -4.102  1.00 12.67 ? 12 U   A "C5'" 1 
ATOM   254 C "C4'" . U   A 1 12 ? -4.037  -17.372 -3.038  1.00 12.42 ? 12 U   A "C4'" 1 
ATOM   255 O "O4'" . U   A 1 12 ? -3.619  -16.063 -2.554  1.00 11.30 ? 12 U   A "O4'" 1 
ATOM   256 C "C3'" . U   A 1 12 ? -4.455  -18.101 -1.776  1.00 12.51 ? 12 U   A "C3'" 1 
ATOM   257 O "O3'" . U   A 1 12 ? -4.421  -19.511 -1.969  1.00 14.95 ? 12 U   A "O3'" 1 
ATOM   258 C "C2'" . U   A 1 12 ? -3.396  -17.628 -0.789  1.00 11.23 ? 12 U   A "C2'" 1 
ATOM   259 O "O2'" . U   A 1 12 ? -2.150  -18.271 -0.984  1.00 11.25 ? 12 U   A "O2'" 1 
ATOM   260 C "C1'" . U   A 1 12 ? -3.263  -16.157 -1.183  1.00 10.23 ? 12 U   A "C1'" 1 
ATOM   261 N N1    . U   A 1 12 ? -4.155  -15.279 -0.411  1.00 9.56  ? 12 U   A N1    1 
ATOM   262 C C2    . U   A 1 12 ? -3.724  -14.860 0.832   1.00 8.92  ? 12 U   A C2    1 
ATOM   263 O O2    . U   A 1 12 ? -2.661  -15.204 1.321   1.00 10.04 ? 12 U   A O2    1 
ATOM   264 N N3    . U   A 1 12 ? -4.584  -14.025 1.490   1.00 7.46  ? 12 U   A N3    1 
ATOM   265 C C4    . U   A 1 12 ? -5.809  -13.579 1.057   1.00 8.58  ? 12 U   A C4    1 
ATOM   266 O O4    . U   A 1 12 ? -6.462  -12.826 1.779   1.00 7.88  ? 12 U   A O4    1 
ATOM   267 C C5    . U   A 1 12 ? -6.201  -14.068 -0.229  1.00 8.28  ? 12 U   A C5    1 
ATOM   268 C C6    . U   A 1 12 ? -5.381  -14.881 -0.905  1.00 9.61  ? 12 U   A C6    1 
ATOM   269 P P     . C   A 1 13 ? -5.504  -20.441 -1.236  1.00 15.07 ? 13 C   A P     1 
ATOM   270 O OP1   . C   A 1 13 ? -5.302  -21.830 -1.710  1.00 16.98 ? 13 C   A OP1   1 
ATOM   271 O OP2   . C   A 1 13 ? -6.839  -19.803 -1.379  1.00 16.93 ? 13 C   A OP2   1 
ATOM   272 O "O5'" . C   A 1 13 ? -5.115  -20.352 0.307   1.00 16.62 ? 13 C   A "O5'" 1 
ATOM   273 C "C5'" . C   A 1 13 ? -4.200  -21.277 0.882   1.00 17.56 ? 13 C   A "C5'" 1 
ATOM   274 C "C4'" . C   A 1 13 ? -3.699  -20.775 2.220   1.00 17.08 ? 13 C   A "C4'" 1 
ATOM   275 O "O4'" . C   A 1 13 ? -3.539  -19.335 2.201   1.00 15.38 ? 13 C   A "O4'" 1 
ATOM   276 C "C3'" . C   A 1 13 ? -4.605  -20.993 3.420   1.00 17.06 ? 13 C   A "C3'" 1 
ATOM   277 O "O3'" . C   A 1 13 ? -4.711  -22.357 3.852   1.00 19.44 ? 13 C   A "O3'" 1 
ATOM   278 C "C2'" . C   A 1 13 ? -4.005  -20.027 4.429   1.00 16.57 ? 13 C   A "C2'" 1 
ATOM   279 O "O2'" . C   A 1 13 ? -2.840  -20.525 5.060   1.00 17.12 ? 13 C   A "O2'" 1 
ATOM   280 C "C1'" . C   A 1 13 ? -3.645  -18.843 3.526   1.00 14.90 ? 13 C   A "C1'" 1 
ATOM   281 N N1    . C   A 1 13 ? -4.671  -17.796 3.564   1.00 13.46 ? 13 C   A N1    1 
ATOM   282 C C2    . C   A 1 13 ? -4.694  -16.948 4.661   1.00 13.81 ? 13 C   A C2    1 
ATOM   283 O O2    . C   A 1 13 ? -3.826  -17.082 5.529   1.00 14.39 ? 13 C   A O2    1 
ATOM   284 N N3    . C   A 1 13 ? -5.651  -16.003 4.753   1.00 13.83 ? 13 C   A N3    1 
ATOM   285 C C4    . C   A 1 13 ? -6.567  -15.894 3.798   1.00 13.23 ? 13 C   A C4    1 
ATOM   286 N N4    . C   A 1 13 ? -7.514  -14.972 3.957   1.00 13.38 ? 13 C   A N4    1 
ATOM   287 C C5    . C   A 1 13 ? -6.557  -16.732 2.645   1.00 12.36 ? 13 C   A C5    1 
ATOM   288 C C6    . C   A 1 13 ? -5.597  -17.662 2.570   1.00 13.47 ? 13 C   A C6    1 
HETATM 289 O O     . HOH B 2 .  ? -5.854  8.427   2.421   1.00 12.55 ? 14 HOH A O     1 
HETATM 290 O O     . HOH B 2 .  ? -4.299  -2.308  1.048   1.00 18.54 ? 15 HOH A O     1 
HETATM 291 O O     . HOH B 2 .  ? -6.553  1.209   3.345   1.00 16.50 ? 16 HOH A O     1 
HETATM 292 O O     . HOH B 2 .  ? 10.756  11.561  5.123   1.00 15.47 ? 17 HOH A O     1 
HETATM 293 O O     . HOH B 2 .  ? -12.724 5.516   0.234   1.00 9.05  ? 18 HOH A O     1 
HETATM 294 O O     . HOH B 2 .  ? -7.383  0.715   -5.253  1.00 13.96 ? 19 HOH A O     1 
HETATM 295 O O     . HOH B 2 .  ? -2.919  2.955   3.173   1.00 18.49 ? 20 HOH A O     1 
HETATM 296 O O     . HOH B 2 .  ? -6.877  -2.192  1.400   1.00 22.11 ? 21 HOH A O     1 
HETATM 297 O O     . HOH B 2 .  ? -4.919  0.322   1.358   1.00 18.94 ? 22 HOH A O     1 
HETATM 298 O O     . HOH B 2 .  ? -2.677  2.149   0.096   1.00 18.53 ? 23 HOH A O     1 
HETATM 299 O O     . HOH B 2 .  ? -2.438  -24.001 4.729   1.00 26.45 ? 24 HOH A O     1 
HETATM 300 O O     . HOH B 2 .  ? -9.750  -9.166  -1.749  1.00 13.14 ? 25 HOH A O     1 
HETATM 301 O O     . HOH B 2 .  ? -1.160  1.604   10.633  1.00 32.76 ? 26 HOH A O     1 
HETATM 302 O O     . HOH B 2 .  ? 7.513   5.884   0.893   1.00 22.46 ? 27 HOH A O     1 
HETATM 303 O O     . HOH B 2 .  ? 4.434   8.946   9.884   1.00 22.56 ? 28 HOH A O     1 
HETATM 304 O O     . HOH B 2 .  ? 4.755   10.747  7.720   1.00 24.25 ? 29 HOH A O     1 
HETATM 305 O O     . HOH B 2 .  ? -7.100  5.092   9.222   1.00 30.72 ? 30 HOH A O     1 
HETATM 306 O O     . HOH B 2 .  ? -1.326  -18.766 6.721   1.00 19.59 ? 31 HOH A O     1 
HETATM 307 O O     . HOH B 2 .  ? -9.468  -13.253 -1.691  1.00 23.68 ? 32 HOH A O     1 
HETATM 308 O O     . HOH B 2 .  ? -8.332  -8.648  0.879   1.00 26.89 ? 33 HOH A O     1 
HETATM 309 O O     . HOH B 2 .  ? -9.888  -15.189 1.923   1.00 30.28 ? 34 HOH A O     1 
HETATM 310 O O     . HOH B 2 .  ? -0.158  11.198  6.204   1.00 34.52 ? 35 HOH A O     1 
HETATM 311 O O     . HOH B 2 .  ? -9.262  -1.203  2.932   1.00 26.79 ? 36 HOH A O     1 
HETATM 312 O O     . HOH B 2 .  ? 2.378   1.478   8.919   1.00 23.62 ? 37 HOH A O     1 
HETATM 313 O O     . HOH B 2 .  ? -8.082  0.637   7.049   1.00 27.80 ? 38 HOH A O     1 
HETATM 314 O O     . HOH B 2 .  ? 6.182   4.024   4.030   1.00 18.64 ? 39 HOH A O     1 
HETATM 315 O O     . HOH B 2 .  ? -2.921  11.741  5.136   1.00 29.72 ? 40 HOH A O     1 
HETATM 316 O O     . HOH B 2 .  ? -1.768  -14.774 -4.953  1.00 29.39 ? 41 HOH A O     1 
HETATM 317 O O     . HOH B 2 .  ? 13.066  10.334  5.673   1.00 28.51 ? 42 HOH A O     1 
HETATM 318 O O     . HOH B 2 .  ? -13.651 -4.299  -7.628  1.00 32.58 ? 43 HOH A O     1 
HETATM 319 O O     . HOH B 2 .  ? 4.751   1.211   7.003   1.00 38.25 ? 44 HOH A O     1 
HETATM 320 O O     . HOH B 2 .  ? -9.066  -12.027 1.736   1.00 36.89 ? 45 HOH A O     1 
HETATM 321 O O     . HOH B 2 .  ? 4.598   4.603   -0.129  1.00 36.45 ? 46 HOH A O     1 
HETATM 322 O O     . HOH B 2 .  ? 14.208  6.969   6.267   1.00 27.45 ? 47 HOH A O     1 
HETATM 323 O O     . HOH B 2 .  ? -7.094  -23.549 2.260   1.00 31.60 ? 48 HOH A O     1 
HETATM 324 O O     . HOH B 2 .  ? -13.229 -12.365 -2.531  1.00 39.92 ? 49 HOH A O     1 
HETATM 325 O O     . HOH B 2 .  ? -9.554  -5.581  -0.356  1.00 30.88 ? 50 HOH A O     1 
# 
